data_9CMV
#
_entry.id   9CMV
#
_cell.length_a   58.478
_cell.length_b   127.340
_cell.length_c   190.798
_cell.angle_alpha   90.00
_cell.angle_beta   90.00
_cell.angle_gamma   90.00
#
_symmetry.space_group_name_H-M   'P 21 21 21'
#
loop_
_entity.id
_entity.type
_entity.pdbx_description
1 polymer 'Phosphatidylinositol 4,5-bisphosphate 3-kinase catalytic subunit alpha isoform'
2 polymer 'GTPase KRas'
3 non-polymer 'tert-butyl [2-(2-{[(2P)-2-{4-[4-(2-amino-2-oxoethyl)-2-fluoroanilino]thieno[2,3-d]pyridazin-7-yl}phenyl]oxy}ethoxy)ethyl]carbamate'
4 non-polymer GLYCEROL
5 non-polymer 'MAGNESIUM ION'
6 non-polymer 'PHOSPHOAMINOPHOSPHONIC ACID-GUANYLATE ESTER'
7 water water
#
loop_
_entity_poly.entity_id
_entity_poly.type
_entity_poly.pdbx_seq_one_letter_code
_entity_poly.pdbx_strand_id
1 'polypeptide(L)'
;GVGNREEKILNREIGFAIGMPVCEFDMVKDPEVQDFRRNILNVCKEAVDLRDLNSPHSRAMYVYPPNVESSPELPKHIYN
KLDKGQIIVVIWVIVSPNNDKQKYTLKINHDCVPEQVIAEAIRKKTRSMLLSSEQLKLCVLEYQGKYILKVCGCDEYFLE
KYPLSQYKYIRSCIMLGRMPNLMLMAKESLYSQLPMDCFTMPSYSRRISTATPYMNGETSTKSLWVINSALRIKILCATY
VNVNIRDIDKIYVRTGIYHGGEPLCDNVNTQRVPCSNPRWNEWLNYDIYIPDLPRAARLCLSICSVKGRKGAKEEHCPLA
WGNINLFDYTDTLVSGKMALNLWPVPHGLEDLLNPIGVTGSNPNKETPCLELEFDWFSSVVKFPDMSVIEEHANWSVSRE
AGFSYSHAGLSNRLARDNELRENDKEQLKAISTRDPLSEITEQEKDFLWSHRHYCVTIPEILPKLLLSVKWNSRDEVAQM
YCLVKDWPPIKPEQAMELLDCNYPDPMVRGFAVRCLEKYLTDDKLSQYLIQLVQVLKYEQYLDNLLVRFLLKKALTNQRI
GHFFFWHLKSEMHNKTVSQRFGLLLESYCRACGMYLKHLNRQVEAMEKLINLTDILKQEKKDETQKVQMKFLVEQMRRPD
FMDALQGFLSPLNPAHQLGNLRLEECRIMSSAKRPLWLNWENPDIMSELLFQNNEIIFKNGDDLRQDMLTLQIIRIMENI
WQNQGLDLRMLPYGCLSIGDCVGLIEVVRNSHTIMQIQCKGGLKGALQFNSHTLHQWLKDKNKGEIYDAAIDLFTRSCAG
YCVATFILGIGDRHNSNIMVKDDGQLFHIDFGHFLDHKKKKFGYKRERVPFVLTQDFLIVISKGAQECTKTREFERFQEM
CYKAYLAIRQHANLFINLFSMMLGSGMPELQSFDDIAYIRKTLALDKTEQEALEYFMKQMNDAHHGGWTTKMDAAAHTIK
QHALN
;
A
2 'polypeptide(L)'
;GMTEYKLVVVGAGGVGKSALTIQLIQNHFVDEYDPTIEDSYRKQVVIDGETCLLDILDTAGQEEYSAMRDQYMRTGEGFL
CVFAINNTKSFEDIHHYREQIKRVKDSEDVPMVLVGNKCDLPSRTVDTKQAQDLARSYGIPFIETSAKTRQGVDDAFYTL
VREIRKHKEK
;
B
#
# COMPACT_ATOMS: atom_id res chain seq x y z
N GLY A 3 20.69 -5.35 32.58
CA GLY A 3 21.76 -6.07 33.25
C GLY A 3 22.03 -7.44 32.65
N ASN A 4 20.99 -8.03 32.06
CA ASN A 4 21.14 -9.33 31.43
C ASN A 4 22.07 -9.26 30.24
N ARG A 5 22.79 -10.36 29.99
CA ARG A 5 23.72 -10.41 28.87
C ARG A 5 22.99 -10.27 27.54
N GLU A 6 21.82 -10.92 27.40
CA GLU A 6 21.05 -10.82 26.17
C GLU A 6 20.44 -9.44 25.99
N GLU A 7 20.09 -8.77 27.09
CA GLU A 7 19.48 -7.46 26.98
C GLU A 7 20.47 -6.42 26.46
N LYS A 8 21.74 -6.53 26.87
CA LYS A 8 22.76 -5.60 26.36
C LYS A 8 22.93 -5.74 24.86
N ILE A 9 22.78 -6.95 24.32
CA ILE A 9 22.86 -7.14 22.88
C ILE A 9 21.62 -6.59 22.19
N LEU A 10 20.44 -6.84 22.77
CA LEU A 10 19.21 -6.34 22.15
C LEU A 10 19.13 -4.83 22.22
N ASN A 11 19.59 -4.23 23.33
CA ASN A 11 19.59 -2.78 23.44
C ASN A 11 20.47 -2.14 22.37
N ARG A 12 21.59 -2.78 22.04
CA ARG A 12 22.44 -2.26 20.97
C ARG A 12 21.80 -2.48 19.60
N GLU A 13 21.03 -3.55 19.44
CA GLU A 13 20.36 -3.80 18.17
C GLU A 13 19.18 -2.87 17.97
N ILE A 14 18.52 -2.45 19.05
CA ILE A 14 17.45 -1.46 18.93
C ILE A 14 18.02 -0.10 18.61
N GLY A 15 19.19 0.22 19.16
CA GLY A 15 19.80 1.52 18.91
C GLY A 15 20.16 1.72 17.44
N PHE A 16 20.60 0.65 16.77
CA PHE A 16 20.92 0.75 15.36
C PHE A 16 19.67 0.95 14.52
N ALA A 17 18.56 0.30 14.92
CA ALA A 17 17.33 0.39 14.14
C ALA A 17 16.70 1.77 14.25
N ILE A 18 16.59 2.29 15.47
CA ILE A 18 15.94 3.58 15.68
C ILE A 18 16.87 4.76 15.46
N GLY A 19 18.17 4.51 15.32
CA GLY A 19 19.11 5.59 15.05
C GLY A 19 19.57 6.37 16.26
N MET A 20 19.32 5.86 17.48
CA MET A 20 19.78 6.56 18.68
C MET A 20 19.94 5.54 19.79
N PRO A 21 20.93 5.67 20.67
CA PRO A 21 21.11 4.69 21.74
C PRO A 21 19.96 4.74 22.74
N VAL A 22 19.49 3.55 23.14
CA VAL A 22 18.40 3.46 24.10
C VAL A 22 18.81 3.96 25.49
N CYS A 23 20.12 4.11 25.75
CA CYS A 23 20.55 4.66 27.02
C CYS A 23 20.11 6.11 27.21
N GLU A 24 19.80 6.81 26.12
CA GLU A 24 19.28 8.17 26.25
C GLU A 24 17.86 8.17 26.79
N PHE A 25 17.09 7.11 26.54
CA PHE A 25 15.76 6.99 27.12
C PHE A 25 15.83 6.83 28.63
N ASP A 26 16.90 6.21 29.14
CA ASP A 26 17.04 6.04 30.58
C ASP A 26 17.41 7.35 31.26
N MET A 27 18.02 8.28 30.53
CA MET A 27 18.40 9.57 31.08
C MET A 27 17.23 10.54 31.23
N VAL A 28 16.07 10.21 30.65
CA VAL A 28 14.92 11.12 30.71
C VAL A 28 14.35 11.11 32.12
N LYS A 29 14.27 12.29 32.73
CA LYS A 29 13.72 12.43 34.07
C LYS A 29 12.21 12.58 34.09
N ASP A 30 11.58 12.77 32.93
CA ASP A 30 10.13 12.95 32.86
C ASP A 30 9.42 11.68 33.31
N PRO A 31 8.58 11.73 34.35
CA PRO A 31 7.86 10.52 34.77
C PRO A 31 6.91 9.98 33.72
N GLU A 32 6.39 10.85 32.84
CA GLU A 32 5.50 10.37 31.78
C GLU A 32 6.24 9.47 30.80
N VAL A 33 7.53 9.73 30.58
CA VAL A 33 8.32 8.89 29.69
C VAL A 33 8.60 7.54 30.35
N GLN A 34 9.05 7.56 31.61
CA GLN A 34 9.39 6.32 32.29
C GLN A 34 8.15 5.48 32.59
N ASP A 35 7.00 6.11 32.80
CA ASP A 35 5.77 5.34 32.97
C ASP A 35 5.29 4.76 31.66
N PHE A 36 5.57 5.43 30.54
CA PHE A 36 5.20 4.88 29.24
C PHE A 36 6.04 3.65 28.91
N ARG A 37 7.35 3.71 29.18
CA ARG A 37 8.21 2.58 28.90
C ARG A 37 7.79 1.34 29.70
N ARG A 38 7.20 1.54 30.88
CA ARG A 38 6.80 0.40 31.70
C ARG A 38 5.42 -0.11 31.31
N ASN A 39 4.42 0.77 31.34
CA ASN A 39 3.03 0.34 31.17
C ASN A 39 2.72 -0.11 29.75
N ILE A 40 3.53 0.28 28.76
CA ILE A 40 3.28 -0.15 27.39
C ILE A 40 3.68 -1.60 27.15
N LEU A 41 4.31 -2.24 28.13
CA LEU A 41 4.86 -3.57 27.92
C LEU A 41 3.79 -4.65 27.89
N ASN A 42 2.66 -4.45 28.58
CA ASN A 42 1.62 -5.47 28.57
C ASN A 42 1.01 -5.63 27.17
N VAL A 43 1.08 -4.58 26.35
CA VAL A 43 0.67 -4.70 24.95
C VAL A 43 1.59 -5.67 24.21
N CYS A 44 2.87 -5.67 24.56
CA CYS A 44 3.81 -6.61 23.95
C CYS A 44 3.52 -8.04 24.38
N LYS A 45 3.27 -8.25 25.67
CA LYS A 45 2.96 -9.59 26.18
C LYS A 45 1.71 -10.14 25.51
N GLU A 46 0.65 -9.34 25.43
CA GLU A 46 -0.59 -9.81 24.83
C GLU A 46 -0.39 -10.15 23.35
N ALA A 47 0.43 -9.38 22.65
CA ALA A 47 0.64 -9.64 21.24
C ALA A 47 1.56 -10.84 21.02
N VAL A 48 2.57 -11.00 21.87
CA VAL A 48 3.42 -12.18 21.77
C VAL A 48 2.64 -13.44 22.15
N ASP A 49 1.79 -13.34 23.16
CA ASP A 49 0.93 -14.47 23.53
C ASP A 49 -0.01 -14.84 22.39
N LEU A 50 -0.34 -13.88 21.52
CA LEU A 50 -1.17 -14.18 20.36
C LEU A 50 -0.40 -14.97 19.30
N ARG A 51 0.90 -14.69 19.15
CA ARG A 51 1.69 -15.43 18.18
C ARG A 51 1.89 -16.89 18.59
N ASP A 52 1.88 -17.17 19.89
CA ASP A 52 2.16 -18.50 20.41
C ASP A 52 0.90 -19.28 20.74
N LEU A 53 -0.29 -18.76 20.38
CA LEU A 53 -1.54 -19.41 20.76
C LEU A 53 -1.72 -20.72 20.02
N ASN A 54 -1.52 -20.71 18.70
CA ASN A 54 -1.63 -21.92 17.90
C ASN A 54 -0.34 -22.16 17.12
N SER A 55 0.77 -22.27 17.82
CA SER A 55 2.06 -22.49 17.17
C SER A 55 2.07 -23.86 16.48
N PRO A 56 2.69 -23.97 15.30
CA PRO A 56 3.43 -22.96 14.56
C PRO A 56 2.58 -22.21 13.53
N HIS A 57 1.27 -22.47 13.46
CA HIS A 57 0.45 -21.79 12.47
C HIS A 57 0.29 -20.31 12.81
N SER A 58 0.07 -19.99 14.09
CA SER A 58 -0.09 -18.59 14.48
C SER A 58 1.19 -17.79 14.27
N ARG A 59 2.35 -18.44 14.37
CA ARG A 59 3.60 -17.76 14.05
C ARG A 59 3.74 -17.53 12.54
N ALA A 60 3.32 -18.50 11.74
CA ALA A 60 3.37 -18.34 10.30
C ALA A 60 2.41 -17.28 9.82
N MET A 61 1.22 -17.19 10.43
CA MET A 61 0.29 -16.12 10.09
C MET A 61 0.85 -14.76 10.46
N TYR A 62 1.71 -14.69 11.48
CA TYR A 62 2.33 -13.43 11.85
C TYR A 62 3.41 -13.04 10.85
N VAL A 63 4.34 -13.95 10.57
CA VAL A 63 5.47 -13.63 9.69
C VAL A 63 5.00 -13.46 8.25
N TYR A 64 4.07 -14.29 7.80
CA TYR A 64 3.55 -14.26 6.44
C TYR A 64 2.04 -14.10 6.47
N PRO A 65 1.54 -12.89 6.75
CA PRO A 65 0.10 -12.70 6.79
C PRO A 65 -0.50 -12.74 5.40
N PRO A 66 -1.71 -13.27 5.24
CA PRO A 66 -2.32 -13.37 3.91
C PRO A 66 -2.68 -11.99 3.36
N ASN A 67 -2.08 -11.65 2.22
CA ASN A 67 -2.38 -10.39 1.54
C ASN A 67 -3.69 -10.56 0.79
N VAL A 68 -4.79 -10.35 1.51
CA VAL A 68 -6.13 -10.65 1.00
C VAL A 68 -6.90 -9.35 0.82
N GLU A 69 -7.96 -9.42 0.02
CA GLU A 69 -8.80 -8.26 -0.25
C GLU A 69 -9.76 -8.02 0.91
N SER A 70 -10.58 -6.98 0.76
CA SER A 70 -11.48 -6.59 1.83
C SER A 70 -12.75 -7.44 1.83
N SER A 71 -13.28 -7.77 0.66
CA SER A 71 -14.51 -8.53 0.57
C SER A 71 -14.35 -9.69 -0.40
N PRO A 72 -14.89 -10.87 -0.06
CA PRO A 72 -14.83 -11.99 -1.00
C PRO A 72 -15.71 -11.81 -2.23
N GLU A 73 -16.67 -10.89 -2.18
CA GLU A 73 -17.56 -10.69 -3.32
C GLU A 73 -16.82 -10.05 -4.48
N LEU A 74 -17.06 -10.56 -5.68
CA LEU A 74 -16.43 -10.05 -6.89
C LEU A 74 -17.42 -9.18 -7.66
N PRO A 75 -17.00 -8.00 -8.13
CA PRO A 75 -17.88 -7.18 -8.96
C PRO A 75 -18.24 -7.90 -10.26
N LYS A 76 -19.22 -7.33 -10.97
CA LYS A 76 -19.77 -7.98 -12.15
C LYS A 76 -18.73 -8.13 -13.26
N HIS A 77 -18.04 -7.04 -13.58
CA HIS A 77 -17.07 -7.08 -14.67
C HIS A 77 -15.87 -7.98 -14.35
N ILE A 78 -15.63 -8.26 -13.07
CA ILE A 78 -14.53 -9.16 -12.71
C ILE A 78 -14.94 -10.61 -12.95
N TYR A 79 -16.19 -10.96 -12.62
CA TYR A 79 -16.64 -12.34 -12.82
C TYR A 79 -16.77 -12.68 -14.30
N ASN A 80 -17.10 -11.69 -15.14
CA ASN A 80 -17.26 -11.94 -16.57
C ASN A 80 -15.96 -12.35 -17.24
N LYS A 81 -14.81 -12.02 -16.65
CA LYS A 81 -13.53 -12.44 -17.20
C LYS A 81 -13.20 -13.90 -16.89
N LEU A 82 -14.02 -14.58 -16.09
CA LEU A 82 -13.78 -15.96 -15.73
C LEU A 82 -14.44 -16.89 -16.73
N ASP A 83 -13.77 -18.01 -17.01
CA ASP A 83 -14.30 -19.04 -17.91
C ASP A 83 -15.37 -19.83 -17.14
N LYS A 84 -16.63 -19.44 -17.32
CA LYS A 84 -17.76 -20.11 -16.68
C LYS A 84 -17.62 -20.10 -15.16
N GLY A 85 -17.07 -19.01 -14.62
CA GLY A 85 -16.86 -18.91 -13.20
C GLY A 85 -15.65 -19.66 -12.67
N GLN A 86 -14.72 -20.04 -13.55
CA GLN A 86 -13.55 -20.79 -13.16
C GLN A 86 -12.28 -20.08 -13.60
N ILE A 87 -11.16 -20.43 -12.96
CA ILE A 87 -9.87 -19.81 -13.21
C ILE A 87 -8.86 -20.91 -13.50
N ILE A 88 -7.93 -20.64 -14.42
CA ILE A 88 -6.85 -21.55 -14.74
C ILE A 88 -5.60 -21.11 -13.99
N VAL A 89 -5.07 -21.99 -13.15
CA VAL A 89 -3.91 -21.69 -12.32
C VAL A 89 -2.81 -22.68 -12.66
N VAL A 90 -1.57 -22.19 -12.69
CA VAL A 90 -0.39 -23.01 -12.94
C VAL A 90 0.24 -23.35 -11.59
N ILE A 91 0.30 -24.65 -11.28
CA ILE A 91 0.86 -25.13 -10.02
C ILE A 91 2.24 -25.71 -10.31
N TRP A 92 3.26 -25.14 -9.70
CA TRP A 92 4.64 -25.57 -9.89
C TRP A 92 5.11 -26.38 -8.69
N VAL A 93 6.15 -27.18 -8.93
CA VAL A 93 6.73 -28.03 -7.90
C VAL A 93 8.23 -28.14 -8.17
N ILE A 94 9.00 -28.32 -7.09
CA ILE A 94 10.45 -28.41 -7.16
C ILE A 94 10.84 -29.85 -6.90
N VAL A 95 11.54 -30.47 -7.85
CA VAL A 95 12.13 -31.78 -7.62
C VAL A 95 13.36 -31.60 -6.73
N SER A 96 13.49 -32.46 -5.72
CA SER A 96 14.47 -32.21 -4.67
C SER A 96 15.92 -32.24 -5.15
N PRO A 97 16.37 -33.18 -6.02
CA PRO A 97 17.80 -33.23 -6.38
C PRO A 97 18.38 -31.92 -6.90
N ASN A 98 17.98 -31.48 -8.08
CA ASN A 98 18.58 -30.32 -8.73
C ASN A 98 17.68 -29.09 -8.72
N ASN A 99 16.65 -29.09 -7.86
CA ASN A 99 15.71 -27.97 -7.70
C ASN A 99 15.22 -27.41 -9.04
N ASP A 100 15.02 -28.29 -10.00
CA ASP A 100 14.38 -27.92 -11.26
C ASP A 100 12.89 -28.21 -11.18
N LYS A 101 12.11 -27.40 -11.88
CA LYS A 101 10.67 -27.31 -11.65
C LYS A 101 9.87 -27.98 -12.78
N GLN A 102 8.81 -28.67 -12.38
CA GLN A 102 7.76 -29.17 -13.26
C GLN A 102 6.44 -28.53 -12.83
N LYS A 103 5.41 -28.69 -13.66
CA LYS A 103 4.18 -27.93 -13.45
C LYS A 103 2.95 -28.75 -13.81
N TYR A 104 1.85 -28.42 -13.13
CA TYR A 104 0.50 -28.81 -13.50
C TYR A 104 -0.32 -27.54 -13.74
N THR A 105 -1.26 -27.62 -14.68
CA THR A 105 -2.20 -26.52 -14.93
C THR A 105 -3.60 -27.01 -14.63
N LEU A 106 -4.24 -26.37 -13.65
CA LEU A 106 -5.57 -26.76 -13.19
C LEU A 106 -6.59 -25.69 -13.53
N LYS A 107 -7.83 -26.12 -13.73
CA LYS A 107 -8.96 -25.24 -14.01
C LYS A 107 -9.99 -25.42 -12.91
N ILE A 108 -10.07 -24.45 -12.01
CA ILE A 108 -10.87 -24.58 -10.79
C ILE A 108 -11.75 -23.35 -10.63
N ASN A 109 -12.80 -23.51 -9.82
CA ASN A 109 -13.67 -22.39 -9.49
C ASN A 109 -12.94 -21.42 -8.57
N HIS A 110 -13.31 -20.14 -8.69
CA HIS A 110 -12.65 -19.11 -7.88
C HIS A 110 -13.03 -19.19 -6.40
N ASP A 111 -14.09 -19.94 -6.05
CA ASP A 111 -14.48 -20.11 -4.67
C ASP A 111 -13.56 -21.05 -3.89
N CYS A 112 -12.70 -21.78 -4.58
CA CYS A 112 -11.92 -22.84 -3.93
C CYS A 112 -10.92 -22.25 -2.95
N VAL A 113 -10.84 -22.84 -1.76
CA VAL A 113 -9.87 -22.45 -0.75
C VAL A 113 -8.53 -23.06 -1.14
N PRO A 114 -7.39 -22.60 -0.57
CA PRO A 114 -6.11 -23.19 -0.94
C PRO A 114 -6.03 -24.70 -0.71
N GLU A 115 -6.69 -25.22 0.34
CA GLU A 115 -6.66 -26.66 0.57
C GLU A 115 -7.32 -27.41 -0.58
N GLN A 116 -8.40 -26.87 -1.13
CA GLN A 116 -9.09 -27.53 -2.23
C GLN A 116 -8.27 -27.48 -3.51
N VAL A 117 -7.49 -26.41 -3.71
CA VAL A 117 -6.60 -26.34 -4.87
C VAL A 117 -5.54 -27.43 -4.78
N ILE A 118 -5.02 -27.67 -3.58
CA ILE A 118 -4.03 -28.74 -3.39
C ILE A 118 -4.69 -30.10 -3.55
N ALA A 119 -5.93 -30.24 -3.09
CA ALA A 119 -6.64 -31.50 -3.23
C ALA A 119 -6.89 -31.84 -4.71
N GLU A 120 -7.15 -30.81 -5.52
CA GLU A 120 -7.29 -31.03 -6.96
C GLU A 120 -5.96 -31.44 -7.57
N ALA A 121 -4.85 -30.83 -7.11
CA ALA A 121 -3.54 -31.21 -7.61
C ALA A 121 -3.13 -32.60 -7.16
N ILE A 122 -3.55 -33.01 -5.95
CA ILE A 122 -3.28 -34.36 -5.49
C ILE A 122 -3.99 -35.37 -6.38
N ARG A 123 -5.25 -35.12 -6.71
CA ARG A 123 -5.99 -36.04 -7.57
C ARG A 123 -5.42 -36.09 -8.98
N LYS A 124 -4.87 -34.97 -9.46
CA LYS A 124 -4.26 -34.97 -10.79
C LYS A 124 -3.05 -35.89 -10.85
N LYS A 125 -2.25 -35.93 -9.78
CA LYS A 125 -1.08 -36.79 -9.77
C LYS A 125 -1.46 -38.25 -9.57
N THR A 126 -2.38 -38.53 -8.64
CA THR A 126 -2.74 -39.91 -8.34
C THR A 126 -3.35 -40.63 -9.54
N ARG A 127 -3.92 -39.89 -10.50
CA ARG A 127 -4.46 -40.53 -11.69
C ARG A 127 -3.37 -40.87 -12.70
N SER A 128 -2.26 -40.13 -12.70
CA SER A 128 -1.17 -40.43 -13.62
C SER A 128 -0.49 -41.74 -13.25
N MET A 129 -0.09 -41.88 -11.99
CA MET A 129 0.47 -43.14 -11.52
C MET A 129 -0.64 -44.19 -11.45
N LEU A 130 -0.47 -45.29 -12.20
CA LEU A 130 -1.48 -46.33 -12.29
C LEU A 130 -1.67 -47.09 -10.98
N LEU A 131 -0.89 -46.81 -9.94
CA LEU A 131 -1.06 -47.44 -8.63
C LEU A 131 -2.20 -46.74 -7.91
N SER A 132 -3.40 -47.30 -8.04
CA SER A 132 -4.59 -46.66 -7.49
C SER A 132 -4.99 -47.24 -6.15
N SER A 133 -5.41 -48.51 -6.14
CA SER A 133 -6.04 -49.12 -4.96
C SER A 133 -7.18 -48.23 -4.48
N GLU A 134 -7.04 -47.65 -3.30
CA GLU A 134 -7.93 -46.60 -2.82
C GLU A 134 -7.05 -45.40 -2.49
N GLN A 135 -6.63 -44.69 -3.53
CA GLN A 135 -5.78 -43.52 -3.34
C GLN A 135 -6.48 -42.44 -2.52
N LEU A 136 -7.81 -42.37 -2.61
CA LEU A 136 -8.55 -41.40 -1.82
C LEU A 136 -8.53 -41.74 -0.34
N LYS A 137 -8.29 -43.01 0.01
CA LYS A 137 -8.31 -43.41 1.42
C LYS A 137 -7.17 -42.78 2.20
N LEU A 138 -5.98 -42.68 1.59
CA LEU A 138 -4.84 -42.09 2.28
C LEU A 138 -4.33 -40.83 1.59
N CYS A 139 -4.02 -40.90 0.28
CA CYS A 139 -3.31 -39.80 -0.38
C CYS A 139 -4.10 -38.49 -0.30
N VAL A 140 -5.40 -38.55 -0.55
CA VAL A 140 -6.20 -37.33 -0.64
C VAL A 140 -6.29 -36.64 0.73
N LEU A 141 -6.22 -37.40 1.82
CA LEU A 141 -6.36 -36.84 3.16
C LEU A 141 -5.08 -36.85 3.97
N GLU A 142 -4.16 -37.80 3.73
CA GLU A 142 -2.90 -37.80 4.46
C GLU A 142 -1.97 -36.71 3.97
N TYR A 143 -1.98 -36.44 2.67
CA TYR A 143 -1.10 -35.45 2.06
C TYR A 143 -1.78 -34.11 1.80
N GLN A 144 -3.05 -33.97 2.20
CA GLN A 144 -3.77 -32.73 1.91
C GLN A 144 -3.20 -31.57 2.73
N GLY A 145 -3.13 -31.73 4.05
CA GLY A 145 -2.63 -30.71 4.93
C GLY A 145 -1.13 -30.65 5.08
N LYS A 146 -0.38 -31.35 4.23
CA LYS A 146 1.07 -31.38 4.30
C LYS A 146 1.73 -30.38 3.36
N TYR A 147 0.96 -29.64 2.57
CA TYR A 147 1.50 -28.68 1.62
C TYR A 147 0.74 -27.37 1.72
N ILE A 148 1.37 -26.31 1.21
CA ILE A 148 0.77 -24.98 1.16
C ILE A 148 1.15 -24.33 -0.16
N LEU A 149 0.30 -23.43 -0.63
CA LEU A 149 0.55 -22.71 -1.87
C LEU A 149 1.37 -21.46 -1.62
N LYS A 150 2.27 -21.16 -2.55
CA LYS A 150 3.17 -20.02 -2.45
C LYS A 150 3.27 -19.34 -3.80
N VAL A 151 3.26 -18.01 -3.79
CA VAL A 151 3.34 -17.25 -5.04
C VAL A 151 4.76 -17.32 -5.58
N CYS A 152 4.88 -17.70 -6.85
CA CYS A 152 6.18 -17.80 -7.48
C CYS A 152 6.74 -16.41 -7.74
N GLY A 153 7.92 -16.12 -7.19
CA GLY A 153 8.60 -14.86 -7.40
C GLY A 153 8.80 -14.02 -6.15
N CYS A 154 8.04 -14.28 -5.08
CA CYS A 154 8.14 -13.49 -3.87
C CYS A 154 7.68 -14.34 -2.68
N ASP A 155 7.77 -13.77 -1.49
CA ASP A 155 7.43 -14.47 -0.25
C ASP A 155 6.00 -14.14 0.16
N GLU A 156 5.05 -14.70 -0.59
CA GLU A 156 3.64 -14.60 -0.27
C GLU A 156 3.06 -16.01 -0.23
N TYR A 157 2.43 -16.35 0.90
CA TYR A 157 1.89 -17.68 1.13
C TYR A 157 0.38 -17.59 1.35
N PHE A 158 -0.32 -18.65 0.94
CA PHE A 158 -1.76 -18.77 1.16
C PHE A 158 -1.96 -19.67 2.38
N LEU A 159 -1.83 -19.08 3.57
CA LEU A 159 -1.88 -19.84 4.80
C LEU A 159 -3.28 -19.99 5.37
N GLU A 160 -4.20 -19.10 5.03
CA GLU A 160 -5.55 -19.11 5.59
C GLU A 160 -6.55 -19.55 4.54
N LYS A 161 -7.67 -20.12 5.01
CA LYS A 161 -8.69 -20.70 4.15
C LYS A 161 -9.62 -19.62 3.58
N TYR A 162 -9.01 -18.63 2.92
CA TYR A 162 -9.78 -17.65 2.18
C TYR A 162 -10.17 -18.22 0.82
N PRO A 163 -11.21 -17.67 0.18
CA PRO A 163 -11.44 -17.96 -1.23
C PRO A 163 -10.24 -17.52 -2.05
N LEU A 164 -9.83 -18.36 -3.00
CA LEU A 164 -8.62 -18.09 -3.76
C LEU A 164 -8.69 -16.76 -4.48
N SER A 165 -9.87 -16.41 -5.03
CA SER A 165 -10.03 -15.15 -5.74
C SER A 165 -9.96 -13.95 -4.80
N GLN A 166 -10.10 -14.15 -3.50
CA GLN A 166 -10.02 -13.02 -2.56
C GLN A 166 -8.59 -12.59 -2.29
N TYR A 167 -7.61 -13.48 -2.49
CA TYR A 167 -6.22 -13.08 -2.36
C TYR A 167 -5.87 -12.04 -3.41
N LYS A 168 -5.04 -11.06 -3.02
CA LYS A 168 -4.77 -9.92 -3.90
C LYS A 168 -4.01 -10.32 -5.15
N TYR A 169 -3.12 -11.31 -5.06
CA TYR A 169 -2.40 -11.76 -6.24
C TYR A 169 -3.34 -12.41 -7.24
N ILE A 170 -4.22 -13.30 -6.77
CA ILE A 170 -5.16 -13.95 -7.66
C ILE A 170 -6.18 -12.96 -8.20
N ARG A 171 -6.53 -11.95 -7.41
CA ARG A 171 -7.51 -10.96 -7.86
C ARG A 171 -7.00 -10.15 -9.04
N SER A 172 -5.75 -9.70 -8.98
CA SER A 172 -5.19 -8.91 -10.07
C SER A 172 -4.98 -9.75 -11.32
N CYS A 173 -4.62 -11.03 -11.15
CA CYS A 173 -4.46 -11.91 -12.31
C CYS A 173 -5.77 -12.07 -13.06
N ILE A 174 -6.90 -12.04 -12.36
CA ILE A 174 -8.20 -12.09 -13.03
C ILE A 174 -8.44 -10.79 -13.80
N MET A 175 -8.12 -9.65 -13.18
CA MET A 175 -8.36 -8.37 -13.84
C MET A 175 -7.38 -8.14 -14.99
N LEU A 176 -6.10 -8.48 -14.79
CA LEU A 176 -5.09 -8.28 -15.81
C LEU A 176 -5.01 -9.44 -16.80
N GLY A 177 -5.77 -10.51 -16.59
CA GLY A 177 -5.78 -11.63 -17.50
C GLY A 177 -4.58 -12.56 -17.43
N ARG A 178 -3.62 -12.27 -16.55
CA ARG A 178 -2.44 -13.12 -16.43
C ARG A 178 -2.80 -14.42 -15.72
N MET A 179 -1.97 -15.45 -15.94
CA MET A 179 -2.21 -16.77 -15.37
C MET A 179 -1.41 -16.92 -14.09
N PRO A 180 -2.05 -17.14 -12.94
CA PRO A 180 -1.29 -17.23 -11.68
C PRO A 180 -0.41 -18.46 -11.65
N ASN A 181 0.83 -18.26 -11.20
CA ASN A 181 1.81 -19.33 -11.05
C ASN A 181 2.07 -19.53 -9.56
N LEU A 182 1.69 -20.69 -9.04
CA LEU A 182 1.82 -21.00 -7.63
C LEU A 182 2.77 -22.17 -7.44
N MET A 183 3.41 -22.22 -6.27
CA MET A 183 4.40 -23.23 -5.94
C MET A 183 3.98 -23.99 -4.70
N LEU A 184 3.90 -25.32 -4.81
CA LEU A 184 3.60 -26.17 -3.66
C LEU A 184 4.87 -26.43 -2.87
N MET A 185 4.82 -26.16 -1.57
CA MET A 185 5.92 -26.49 -0.66
C MET A 185 5.35 -27.08 0.62
N ALA A 186 6.14 -27.94 1.25
CA ALA A 186 5.68 -28.65 2.42
C ALA A 186 5.51 -27.71 3.61
N LYS A 187 4.49 -27.99 4.43
CA LYS A 187 4.30 -27.23 5.66
C LYS A 187 5.49 -27.39 6.59
N GLU A 188 6.08 -28.59 6.62
CA GLU A 188 7.23 -28.82 7.49
C GLU A 188 8.42 -27.97 7.08
N SER A 189 8.53 -27.64 5.80
CA SER A 189 9.66 -26.82 5.33
C SER A 189 9.52 -25.38 5.79
N LEU A 190 8.31 -24.82 5.72
CA LEU A 190 8.11 -23.44 6.15
C LEU A 190 8.25 -23.31 7.66
N TYR A 191 7.66 -24.24 8.42
CA TYR A 191 7.74 -24.18 9.86
C TYR A 191 9.16 -24.41 10.37
N SER A 192 10.04 -25.00 9.55
CA SER A 192 11.43 -25.15 9.93
C SER A 192 12.23 -23.88 9.74
N GLN A 193 11.74 -22.95 8.91
CA GLN A 193 12.41 -21.66 8.73
C GLN A 193 11.96 -20.63 9.75
N LEU A 194 10.83 -20.83 10.41
CA LEU A 194 10.34 -19.84 11.36
C LEU A 194 11.31 -19.72 12.53
N PRO A 195 11.59 -18.51 12.98
CA PRO A 195 12.56 -18.30 14.06
C PRO A 195 11.95 -18.65 15.42
N MET A 196 12.78 -18.55 16.45
CA MET A 196 12.36 -18.79 17.82
C MET A 196 11.95 -17.48 18.48
N ASP A 197 10.82 -17.50 19.19
CA ASP A 197 10.30 -16.32 19.86
C ASP A 197 10.91 -16.25 21.25
N CYS A 198 11.86 -15.34 21.43
CA CYS A 198 12.57 -15.21 22.70
C CYS A 198 12.33 -13.84 23.32
N PHE A 199 11.09 -13.51 23.63
CA PHE A 199 10.74 -12.22 24.21
C PHE A 199 10.74 -12.33 25.73
N THR A 200 11.55 -11.49 26.38
CA THR A 200 11.59 -11.37 27.82
C THR A 200 11.35 -9.93 28.22
N MET A 201 10.85 -9.74 29.43
CA MET A 201 10.58 -8.39 29.92
C MET A 201 11.89 -7.65 30.17
N PRO A 202 12.02 -6.41 29.74
CA PRO A 202 13.26 -5.66 30.00
C PRO A 202 13.42 -5.33 31.47
N SER A 203 14.67 -5.02 31.84
CA SER A 203 14.99 -4.83 33.25
C SER A 203 14.30 -3.61 33.84
N TYR A 204 13.97 -2.61 33.01
CA TYR A 204 13.33 -1.40 33.51
C TYR A 204 11.84 -1.59 33.80
N SER A 205 11.33 -2.81 33.72
CA SER A 205 9.93 -3.08 34.04
C SER A 205 9.70 -3.31 35.53
N ARG A 206 10.75 -3.36 36.34
CA ARG A 206 10.63 -3.59 37.77
C ARG A 206 11.09 -2.37 38.56
N THR A 221 -5.65 16.62 48.15
CA THR A 221 -6.32 16.40 46.87
C THR A 221 -7.65 17.14 46.83
N LYS A 222 -7.83 17.99 45.82
CA LYS A 222 -9.01 18.81 45.68
C LYS A 222 -9.56 18.69 44.27
N SER A 223 -10.88 18.80 44.15
CA SER A 223 -11.53 18.71 42.85
C SER A 223 -11.40 20.02 42.08
N LEU A 224 -11.47 19.92 40.75
CA LEU A 224 -11.33 21.10 39.91
C LEU A 224 -12.55 22.02 40.05
N TRP A 225 -13.73 21.43 40.22
CA TRP A 225 -14.97 22.19 40.27
C TRP A 225 -15.25 22.79 41.64
N VAL A 226 -14.34 22.63 42.60
CA VAL A 226 -14.54 23.17 43.94
C VAL A 226 -13.64 24.39 44.12
N ILE A 227 -13.34 25.08 43.02
CA ILE A 227 -12.44 26.23 43.02
C ILE A 227 -13.13 27.36 42.26
N ASN A 228 -13.54 28.40 42.98
CA ASN A 228 -14.13 29.59 42.34
C ASN A 228 -13.02 30.61 42.16
N SER A 229 -12.55 30.73 40.91
CA SER A 229 -11.48 31.66 40.58
C SER A 229 -11.35 31.72 39.06
N ALA A 230 -10.85 32.85 38.56
CA ALA A 230 -10.57 33.01 37.16
C ALA A 230 -9.18 32.47 36.83
N LEU A 231 -9.02 32.02 35.59
CA LEU A 231 -7.75 31.46 35.15
C LEU A 231 -6.76 32.58 34.86
N ARG A 232 -5.66 32.63 35.61
CA ARG A 232 -4.62 33.61 35.38
C ARG A 232 -3.27 32.91 35.32
N ILE A 233 -2.40 33.39 34.43
CA ILE A 233 -1.07 32.82 34.22
C ILE A 233 -0.07 33.97 34.22
N LYS A 234 1.07 33.75 34.88
CA LYS A 234 2.08 34.77 35.04
C LYS A 234 3.22 34.54 34.05
N ILE A 235 3.74 35.63 33.49
CA ILE A 235 4.86 35.60 32.56
C ILE A 235 6.02 36.31 33.24
N LEU A 236 6.97 35.54 33.78
CA LEU A 236 8.08 36.12 34.54
C LEU A 236 9.06 36.85 33.64
N CYS A 237 9.81 36.10 32.84
CA CYS A 237 10.85 36.67 31.99
C CYS A 237 11.20 35.67 30.91
N ALA A 238 12.09 36.06 30.02
CA ALA A 238 12.58 35.21 28.93
C ALA A 238 14.10 35.32 28.85
N THR A 239 14.75 34.20 28.62
CA THR A 239 16.20 34.11 28.56
C THR A 239 16.63 33.64 27.18
N TYR A 240 17.89 33.95 26.83
CA TYR A 240 18.51 33.46 25.60
C TYR A 240 17.78 33.96 24.37
N VAL A 241 17.41 35.22 24.36
CA VAL A 241 16.79 35.85 23.19
C VAL A 241 17.89 36.37 22.27
N ASN A 242 17.63 36.30 20.97
CA ASN A 242 18.59 36.72 19.96
C ASN A 242 18.29 38.15 19.53
N VAL A 243 19.33 38.97 19.44
CA VAL A 243 19.16 40.38 19.10
C VAL A 243 19.26 40.52 17.57
N ASN A 244 18.14 40.83 16.93
CA ASN A 244 18.06 41.02 15.49
C ASN A 244 18.65 39.84 14.71
N ASP A 249 13.73 45.50 18.01
CA ASP A 249 12.91 46.59 18.49
C ASP A 249 12.33 46.25 19.87
N LYS A 250 11.05 45.91 19.91
CA LYS A 250 10.38 45.51 21.14
C LYS A 250 9.67 44.19 20.94
N ILE A 251 9.57 43.41 22.02
CA ILE A 251 9.00 42.07 21.97
C ILE A 251 7.89 41.95 22.99
N TYR A 252 7.07 40.91 22.81
CA TYR A 252 6.01 40.58 23.75
C TYR A 252 5.64 39.12 23.55
N VAL A 253 4.96 38.55 24.54
CA VAL A 253 4.46 37.18 24.47
C VAL A 253 2.95 37.22 24.32
N ARG A 254 2.43 36.29 23.52
CA ARG A 254 1.00 36.20 23.24
C ARG A 254 0.52 34.81 23.60
N THR A 255 -0.50 34.73 24.45
CA THR A 255 -0.99 33.47 24.97
C THR A 255 -2.45 33.26 24.58
N GLY A 256 -2.92 32.04 24.79
CA GLY A 256 -4.29 31.67 24.49
C GLY A 256 -4.66 30.27 24.94
N ILE A 257 -5.79 30.14 25.62
CA ILE A 257 -6.26 28.84 26.12
C ILE A 257 -7.06 28.19 25.01
N TYR A 258 -6.55 27.09 24.46
CA TYR A 258 -7.17 26.40 23.34
C TYR A 258 -7.66 25.02 23.75
N HIS A 259 -8.74 24.59 23.11
CA HIS A 259 -9.24 23.21 23.19
C HIS A 259 -9.08 22.61 21.80
N GLY A 260 -7.88 22.13 21.50
CA GLY A 260 -7.55 21.66 20.17
C GLY A 260 -7.12 22.80 19.28
N GLY A 261 -8.01 23.25 18.40
CA GLY A 261 -7.71 24.37 17.54
C GLY A 261 -8.63 25.55 17.78
N GLU A 262 -9.69 25.32 18.57
CA GLU A 262 -10.66 26.37 18.86
C GLU A 262 -10.33 27.03 20.19
N PRO A 263 -10.27 28.36 20.25
CA PRO A 263 -9.99 29.03 21.51
C PRO A 263 -11.18 28.97 22.45
N LEU A 264 -10.89 28.89 23.74
CA LEU A 264 -11.92 28.92 24.77
C LEU A 264 -12.20 30.32 25.29
N CYS A 265 -11.39 31.30 24.90
CA CYS A 265 -11.55 32.69 25.32
C CYS A 265 -10.66 33.53 24.41
N ASP A 266 -10.72 34.84 24.60
CA ASP A 266 -9.91 35.75 23.80
C ASP A 266 -8.43 35.64 24.17
N ASN A 267 -7.57 35.61 23.16
CA ASN A 267 -6.14 35.58 23.39
C ASN A 267 -5.68 36.87 24.03
N VAL A 268 -4.78 36.76 25.01
CA VAL A 268 -4.26 37.91 25.71
C VAL A 268 -2.75 38.00 25.47
N ASN A 269 -2.23 39.21 25.49
CA ASN A 269 -0.81 39.48 25.34
C ASN A 269 -0.29 40.20 26.58
N THR A 270 1.03 40.29 26.66
CA THR A 270 1.68 41.13 27.64
C THR A 270 2.10 42.46 27.01
N GLN A 271 2.22 43.47 27.85
CA GLN A 271 2.65 44.78 27.36
C GLN A 271 4.06 44.69 26.78
N ARG A 272 4.30 45.49 25.75
CA ARG A 272 5.55 45.40 25.01
C ARG A 272 6.74 45.74 25.90
N VAL A 273 7.83 45.01 25.70
CA VAL A 273 9.07 45.18 26.45
C VAL A 273 10.22 45.14 25.46
N PRO A 274 11.20 46.05 25.56
CA PRO A 274 12.33 46.01 24.63
C PRO A 274 13.11 44.70 24.75
N CYS A 275 13.63 44.25 23.60
CA CYS A 275 14.32 42.97 23.55
C CYS A 275 15.60 42.96 24.38
N SER A 276 16.14 44.13 24.72
CA SER A 276 17.39 44.18 25.47
C SER A 276 17.23 43.58 26.86
N ASN A 277 16.08 43.80 27.50
CA ASN A 277 15.81 43.28 28.85
C ASN A 277 14.41 42.70 28.88
N PRO A 278 14.23 41.47 28.38
CA PRO A 278 12.88 40.87 28.35
C PRO A 278 12.43 40.37 29.71
N ARG A 279 11.61 41.15 30.41
CA ARG A 279 11.05 40.76 31.69
C ARG A 279 9.71 41.45 31.86
N TRP A 280 8.69 40.67 32.25
CA TRP A 280 7.34 41.20 32.39
C TRP A 280 6.83 41.12 33.83
N ASN A 281 6.90 39.95 34.46
CA ASN A 281 6.33 39.74 35.79
C ASN A 281 4.86 40.13 35.83
N GLU A 282 4.14 39.80 34.76
CA GLU A 282 2.79 40.30 34.53
C GLU A 282 1.79 39.14 34.53
N TRP A 283 0.78 39.25 35.36
CA TRP A 283 -0.31 38.27 35.34
C TRP A 283 -1.21 38.52 34.13
N LEU A 284 -1.80 37.43 33.62
CA LEU A 284 -2.70 37.49 32.48
C LEU A 284 -3.99 36.78 32.85
N ASN A 285 -5.07 37.54 33.00
CA ASN A 285 -6.38 36.97 33.32
C ASN A 285 -7.11 36.60 32.03
N TYR A 286 -7.84 35.49 32.07
CA TYR A 286 -8.55 34.98 30.91
C TYR A 286 -10.05 34.92 31.19
N ASP A 287 -10.84 34.98 30.12
CA ASP A 287 -12.30 34.96 30.23
C ASP A 287 -12.81 33.51 30.28
N ILE A 288 -12.40 32.81 31.33
CA ILE A 288 -12.82 31.43 31.55
C ILE A 288 -12.75 31.13 33.04
N TYR A 289 -13.75 30.41 33.53
CA TYR A 289 -13.76 29.94 34.90
C TYR A 289 -13.02 28.62 35.00
N ILE A 290 -12.29 28.44 36.11
CA ILE A 290 -11.49 27.22 36.27
C ILE A 290 -12.33 25.96 36.21
N PRO A 291 -13.49 25.86 36.87
CA PRO A 291 -14.30 24.63 36.76
C PRO A 291 -14.80 24.35 35.35
N ASP A 292 -14.72 25.30 34.43
CA ASP A 292 -15.18 25.11 33.06
C ASP A 292 -14.07 24.67 32.10
N LEU A 293 -12.85 24.52 32.60
CA LEU A 293 -11.77 24.03 31.74
C LEU A 293 -12.06 22.58 31.34
N PRO A 294 -12.06 22.27 30.05
CA PRO A 294 -12.23 20.87 29.63
C PRO A 294 -11.00 20.05 29.95
N ARG A 295 -11.12 18.74 29.71
CA ARG A 295 -10.05 17.82 30.05
C ARG A 295 -8.79 18.12 29.24
N ALA A 296 -8.95 18.44 27.96
CA ALA A 296 -7.83 18.62 27.04
C ALA A 296 -7.52 20.09 26.77
N ALA A 297 -7.80 20.96 27.73
CA ALA A 297 -7.49 22.38 27.57
C ALA A 297 -5.98 22.60 27.60
N ARG A 298 -5.50 23.43 26.67
CA ARG A 298 -4.07 23.65 26.50
C ARG A 298 -3.78 25.15 26.46
N LEU A 299 -2.54 25.49 26.83
CA LEU A 299 -2.04 26.86 26.81
C LEU A 299 -1.06 27.00 25.64
N CYS A 300 -1.38 27.90 24.71
CA CYS A 300 -0.54 28.12 23.54
C CYS A 300 0.03 29.53 23.60
N LEU A 301 1.36 29.62 23.69
CA LEU A 301 2.05 30.90 23.79
C LEU A 301 3.15 30.99 22.75
N SER A 302 3.57 32.22 22.49
CA SER A 302 4.64 32.48 21.53
C SER A 302 5.23 33.85 21.83
N ILE A 303 6.49 34.03 21.43
CA ILE A 303 7.21 35.29 21.62
C ILE A 303 7.21 36.02 20.27
N CYS A 304 6.54 37.16 20.22
CA CYS A 304 6.41 37.95 19.01
C CYS A 304 7.23 39.23 19.13
N SER A 305 7.39 39.91 18.00
CA SER A 305 8.15 41.15 17.94
C SER A 305 7.48 42.10 16.97
N VAL A 306 7.66 43.40 17.21
CA VAL A 306 7.07 44.44 16.38
C VAL A 306 8.18 45.16 15.63
N LYS A 307 7.84 45.69 14.46
CA LYS A 307 8.80 46.41 13.63
C LYS A 307 8.08 47.38 12.69
N LYS A 310 9.29 53.55 11.89
CA LYS A 310 8.86 54.91 12.14
C LYS A 310 7.76 55.32 11.14
N GLY A 311 8.12 55.33 9.86
CA GLY A 311 7.20 55.64 8.79
C GLY A 311 6.52 54.45 8.14
N ALA A 312 6.74 53.24 8.66
CA ALA A 312 6.13 52.03 8.11
C ALA A 312 5.24 51.38 9.15
N LYS A 313 4.26 50.62 8.67
CA LYS A 313 3.34 49.94 9.57
C LYS A 313 4.07 48.89 10.39
N GLU A 314 3.71 48.81 11.68
CA GLU A 314 4.35 47.84 12.56
C GLU A 314 3.97 46.42 12.15
N GLU A 315 4.95 45.54 12.08
CA GLU A 315 4.77 44.17 11.64
C GLU A 315 5.03 43.21 12.80
N HIS A 316 4.06 42.35 13.08
CA HIS A 316 4.18 41.38 14.16
C HIS A 316 4.71 40.06 13.61
N CYS A 317 5.77 39.55 14.23
CA CYS A 317 6.39 38.31 13.78
C CYS A 317 6.70 37.40 14.96
N PRO A 318 6.21 36.17 14.96
CA PRO A 318 6.51 35.24 16.06
C PRO A 318 7.92 34.69 15.93
N LEU A 319 8.72 34.84 16.98
CA LEU A 319 10.08 34.34 17.00
C LEU A 319 10.15 32.88 17.43
N ALA A 320 9.49 32.55 18.54
CA ALA A 320 9.45 31.18 19.05
C ALA A 320 8.06 30.88 19.55
N TRP A 321 7.76 29.59 19.73
CA TRP A 321 6.44 29.16 20.14
C TRP A 321 6.55 27.96 21.06
N GLY A 322 5.50 27.73 21.84
CA GLY A 322 5.44 26.61 22.75
C GLY A 322 4.06 26.37 23.32
N ASN A 323 3.67 25.10 23.47
CA ASN A 323 2.36 24.74 23.97
C ASN A 323 2.49 23.91 25.25
N ILE A 324 1.51 24.06 26.14
CA ILE A 324 1.53 23.43 27.45
C ILE A 324 0.17 22.79 27.71
N ASN A 325 0.19 21.58 28.27
CA ASN A 325 -1.04 20.93 28.73
C ASN A 325 -1.41 21.45 30.11
N LEU A 326 -2.64 21.92 30.26
CA LEU A 326 -3.08 22.42 31.56
C LEU A 326 -3.17 21.29 32.59
N PHE A 327 -3.49 20.07 32.15
CA PHE A 327 -3.46 18.89 32.99
C PHE A 327 -2.40 17.92 32.47
N ASP A 328 -1.74 17.22 33.38
CA ASP A 328 -0.76 16.23 33.00
C ASP A 328 -1.43 14.87 32.84
N TYR A 329 -0.62 13.84 32.56
CA TYR A 329 -1.16 12.50 32.33
C TYR A 329 -1.77 11.88 33.58
N THR A 330 -1.54 12.47 34.76
CA THR A 330 -2.14 12.02 36.00
C THR A 330 -3.40 12.81 36.36
N ASP A 331 -3.98 13.51 35.38
CA ASP A 331 -5.23 14.26 35.55
C ASP A 331 -5.09 15.36 36.61
N THR A 332 -3.87 15.85 36.82
CA THR A 332 -3.59 16.86 37.82
C THR A 332 -3.40 18.21 37.14
N LEU A 333 -4.10 19.22 37.62
CA LEU A 333 -3.95 20.57 37.09
C LEU A 333 -2.55 21.10 37.39
N VAL A 334 -1.89 21.65 36.38
CA VAL A 334 -0.53 22.16 36.56
C VAL A 334 -0.58 23.39 37.46
N SER A 335 0.46 23.55 38.27
CA SER A 335 0.52 24.65 39.22
C SER A 335 1.98 24.96 39.55
N GLY A 336 2.19 26.12 40.16
CA GLY A 336 3.53 26.52 40.56
C GLY A 336 4.33 27.12 39.42
N LYS A 337 5.60 27.37 39.71
CA LYS A 337 6.51 27.93 38.72
C LYS A 337 6.94 26.86 37.74
N MET A 338 7.11 27.27 36.48
CA MET A 338 7.47 26.34 35.42
C MET A 338 8.27 27.09 34.37
N ALA A 339 9.05 26.34 33.60
CA ALA A 339 9.85 26.90 32.52
C ALA A 339 9.90 25.91 31.37
N LEU A 340 9.87 26.42 30.14
CA LEU A 340 9.94 25.59 28.96
C LEU A 340 10.72 26.32 27.88
N ASN A 341 11.48 25.55 27.09
CA ASN A 341 12.23 26.08 25.96
C ASN A 341 11.35 26.02 24.72
N LEU A 342 11.31 27.11 23.97
CA LEU A 342 10.38 27.25 22.86
C LEU A 342 11.03 26.81 21.54
N TRP A 343 10.17 26.33 20.63
CA TRP A 343 10.58 25.80 19.34
C TRP A 343 10.69 26.92 18.32
N PRO A 344 11.52 26.74 17.28
CA PRO A 344 11.55 27.73 16.19
C PRO A 344 10.24 27.75 15.43
N VAL A 345 9.89 28.93 14.93
CA VAL A 345 8.61 29.07 14.21
C VAL A 345 8.63 28.20 12.95
N PRO A 346 7.56 27.44 12.67
CA PRO A 346 7.57 26.59 11.47
C PRO A 346 7.59 27.37 10.17
N HIS A 347 7.50 26.67 9.05
CA HIS A 347 7.59 27.31 7.74
C HIS A 347 6.32 28.10 7.45
N GLY A 348 6.44 29.43 7.50
CA GLY A 348 5.36 30.32 7.11
C GLY A 348 4.06 30.22 7.88
N LEU A 349 4.11 30.48 9.18
CA LEU A 349 2.90 30.47 9.99
C LEU A 349 1.93 31.57 9.55
N GLU A 350 0.64 31.29 9.74
CA GLU A 350 -0.40 32.25 9.39
C GLU A 350 -0.78 33.15 10.55
N ASP A 351 -0.68 32.67 11.78
CA ASP A 351 -1.01 33.43 12.97
C ASP A 351 0.25 33.61 13.82
N LEU A 352 0.06 34.28 14.96
CA LEU A 352 1.13 34.43 15.94
C LEU A 352 1.23 33.25 16.89
N LEU A 353 0.24 32.37 16.91
CA LEU A 353 0.23 31.18 17.74
C LEU A 353 0.23 29.93 16.87
N ASN A 354 0.62 28.81 17.48
CA ASN A 354 0.64 27.52 16.80
C ASN A 354 -0.06 26.51 17.71
N PRO A 355 -1.39 26.54 17.75
CA PRO A 355 -2.11 25.60 18.63
C PRO A 355 -2.01 24.15 18.17
N ILE A 356 -1.95 23.90 16.86
CA ILE A 356 -1.85 22.54 16.37
C ILE A 356 -0.49 21.91 16.65
N GLY A 357 0.48 22.70 17.10
CA GLY A 357 1.80 22.19 17.38
C GLY A 357 1.82 21.23 18.56
N VAL A 358 2.94 20.53 18.69
CA VAL A 358 3.09 19.53 19.74
C VAL A 358 3.31 20.21 21.08
N THR A 359 2.96 19.50 22.15
CA THR A 359 3.08 20.00 23.51
C THR A 359 4.37 19.49 24.14
N GLY A 360 5.06 20.38 24.84
CA GLY A 360 6.29 20.04 25.53
C GLY A 360 7.37 21.08 25.30
N SER A 361 8.45 20.93 26.06
CA SER A 361 9.58 21.84 25.98
C SER A 361 10.57 21.37 24.92
N ASN A 362 11.33 22.33 24.40
CA ASN A 362 12.34 22.00 23.39
C ASN A 362 13.53 21.30 24.06
N PRO A 363 13.93 20.12 23.58
CA PRO A 363 15.13 19.48 24.14
C PRO A 363 16.38 20.30 23.97
N ASN A 364 16.51 21.04 22.87
CA ASN A 364 17.64 21.93 22.65
C ASN A 364 17.54 23.10 23.62
N LYS A 365 18.30 23.02 24.71
CA LYS A 365 18.25 24.06 25.73
C LYS A 365 18.90 25.37 25.29
N GLU A 366 19.56 25.39 24.13
CA GLU A 366 20.08 26.64 23.56
C GLU A 366 19.03 27.40 22.77
N THR A 367 17.81 27.47 23.28
CA THR A 367 16.68 28.12 22.65
C THR A 367 16.03 29.06 23.66
N PRO A 368 15.22 30.03 23.18
CA PRO A 368 14.54 30.93 24.11
C PRO A 368 13.74 30.22 25.19
N CYS A 369 14.19 30.34 26.44
CA CYS A 369 13.55 29.68 27.57
C CYS A 369 12.63 30.68 28.28
N LEU A 370 11.36 30.34 28.39
CA LEU A 370 10.35 31.20 28.99
C LEU A 370 9.95 30.63 30.35
N GLU A 371 10.09 31.45 31.39
CA GLU A 371 9.76 31.04 32.76
C GLU A 371 8.36 31.52 33.11
N LEU A 372 7.51 30.59 33.56
CA LEU A 372 6.13 30.88 33.86
C LEU A 372 5.81 30.56 35.32
N GLU A 373 4.59 30.88 35.71
CA GLU A 373 4.09 30.58 37.05
C GLU A 373 2.57 30.46 36.99
N PHE A 374 2.05 29.37 37.56
CA PHE A 374 0.63 29.12 37.61
C PHE A 374 0.12 29.30 39.04
N ASP A 375 -1.19 29.49 39.15
CA ASP A 375 -1.81 29.61 40.46
C ASP A 375 -1.64 28.32 41.25
N TRP A 376 -1.29 28.46 42.53
CA TRP A 376 -1.15 27.32 43.44
C TRP A 376 -2.25 27.40 44.49
N PHE A 377 -3.13 26.41 44.48
CA PHE A 377 -4.14 26.25 45.53
C PHE A 377 -3.64 25.23 46.55
N SER A 378 -4.16 25.35 47.77
CA SER A 378 -3.58 24.66 48.92
C SER A 378 -3.47 23.15 48.73
N SER A 379 -4.30 22.55 47.88
CA SER A 379 -4.27 21.11 47.66
C SER A 379 -3.96 20.81 46.19
N VAL A 380 -3.61 19.56 45.93
CA VAL A 380 -3.37 19.10 44.58
C VAL A 380 -4.69 19.01 43.84
N VAL A 381 -4.86 19.83 42.81
CA VAL A 381 -6.11 19.93 42.08
C VAL A 381 -6.12 18.90 40.95
N LYS A 382 -7.04 17.95 41.02
CA LYS A 382 -7.18 16.92 40.00
C LYS A 382 -8.51 17.04 39.29
N PHE A 383 -8.57 16.49 38.09
CA PHE A 383 -9.80 16.50 37.31
C PHE A 383 -10.78 15.49 37.88
N PRO A 384 -12.07 15.82 37.95
CA PRO A 384 -13.04 14.90 38.53
C PRO A 384 -13.18 13.62 37.71
N ASP A 385 -13.44 12.51 38.41
CA ASP A 385 -13.74 11.26 37.74
C ASP A 385 -15.17 11.27 37.23
N MET A 386 -15.48 10.30 36.36
CA MET A 386 -16.81 10.24 35.76
C MET A 386 -17.90 9.91 36.78
N SER A 387 -17.54 9.48 37.99
CA SER A 387 -18.53 9.33 39.04
C SER A 387 -19.13 10.68 39.42
N VAL A 388 -18.32 11.74 39.38
CA VAL A 388 -18.81 13.08 39.67
C VAL A 388 -19.40 13.74 38.42
N ILE A 389 -18.85 13.47 37.25
CA ILE A 389 -19.35 14.10 36.03
C ILE A 389 -20.75 13.58 35.70
N GLU A 390 -21.00 12.29 35.94
CA GLU A 390 -22.32 11.73 35.66
C GLU A 390 -23.39 12.34 36.55
N GLU A 391 -23.08 12.55 37.83
CA GLU A 391 -24.04 13.18 38.72
C GLU A 391 -24.34 14.62 38.31
N HIS A 392 -23.34 15.32 37.78
CA HIS A 392 -23.57 16.69 37.34
C HIS A 392 -24.42 16.75 36.08
N ALA A 393 -24.34 15.72 35.23
CA ALA A 393 -25.16 15.69 34.03
C ALA A 393 -26.62 15.43 34.37
N ASN A 394 -26.87 14.49 35.30
CA ASN A 394 -28.24 14.23 35.72
C ASN A 394 -28.86 15.43 36.43
N TRP A 395 -28.02 16.27 37.04
CA TRP A 395 -28.53 17.49 37.68
C TRP A 395 -28.90 18.54 36.65
N SER A 396 -28.12 18.65 35.56
CA SER A 396 -28.40 19.65 34.55
C SER A 396 -29.57 19.25 33.66
N VAL A 397 -29.71 17.96 33.36
CA VAL A 397 -30.79 17.52 32.50
C VAL A 397 -32.13 17.53 33.24
N SER A 398 -32.11 17.30 34.56
CA SER A 398 -33.35 17.38 35.32
C SER A 398 -33.78 18.83 35.57
N ARG A 399 -32.82 19.75 35.60
CA ARG A 399 -33.16 21.16 35.78
C ARG A 399 -33.89 21.73 34.58
N GLU A 400 -33.61 21.21 33.38
CA GLU A 400 -34.34 21.66 32.19
C GLU A 400 -35.81 21.27 32.26
N ALA A 401 -36.12 20.15 32.89
CA ALA A 401 -37.51 19.70 33.01
C ALA A 401 -38.21 20.43 34.16
N LEU A 420 -41.43 14.82 20.23
CA LEU A 420 -40.99 13.83 19.26
C LEU A 420 -41.51 14.18 17.86
N ARG A 421 -41.11 15.34 17.35
CA ARG A 421 -41.57 15.77 16.04
C ARG A 421 -40.94 14.93 14.94
N GLU A 422 -41.60 14.92 13.78
CA GLU A 422 -41.13 14.19 12.62
C GLU A 422 -40.53 15.08 11.54
N ASN A 423 -40.96 16.35 11.47
CA ASN A 423 -40.38 17.26 10.50
C ASN A 423 -38.91 17.54 10.81
N ASP A 424 -38.55 17.58 12.10
CA ASP A 424 -37.17 17.80 12.48
C ASP A 424 -36.30 16.58 12.20
N LYS A 425 -36.90 15.39 12.11
CA LYS A 425 -36.13 14.20 11.79
C LYS A 425 -35.52 14.30 10.39
N GLU A 426 -36.25 14.90 9.45
CA GLU A 426 -35.73 15.04 8.10
C GLU A 426 -34.55 16.01 8.06
N GLN A 427 -34.61 17.07 8.86
CA GLN A 427 -33.51 18.04 8.87
C GLN A 427 -32.27 17.47 9.55
N LEU A 428 -32.45 16.66 10.59
CA LEU A 428 -31.31 16.06 11.28
C LEU A 428 -30.51 15.16 10.34
N LYS A 429 -31.21 14.34 9.55
CA LYS A 429 -30.50 13.47 8.61
C LYS A 429 -29.84 14.28 7.50
N ALA A 430 -30.42 15.41 7.13
CA ALA A 430 -29.81 16.25 6.09
C ALA A 430 -28.50 16.87 6.57
N ILE A 431 -28.33 17.04 7.88
CA ILE A 431 -27.09 17.59 8.40
C ILE A 431 -26.00 16.52 8.48
N SER A 432 -26.39 15.25 8.66
CA SER A 432 -25.40 14.18 8.75
C SER A 432 -24.62 14.03 7.45
N THR A 433 -25.30 14.21 6.31
CA THR A 433 -24.68 14.03 5.01
C THR A 433 -23.77 15.19 4.60
N ARG A 434 -23.72 16.26 5.40
CA ARG A 434 -22.86 17.39 5.06
C ARG A 434 -21.39 17.00 5.19
N ASP A 435 -20.56 17.60 4.33
CA ASP A 435 -19.13 17.33 4.35
C ASP A 435 -18.52 17.88 5.64
N PRO A 436 -17.39 17.31 6.08
CA PRO A 436 -16.80 17.76 7.35
C PRO A 436 -16.46 19.23 7.39
N LEU A 437 -16.09 19.83 6.26
CA LEU A 437 -15.72 21.24 6.21
C LEU A 437 -16.87 22.12 5.76
N SER A 438 -18.11 21.64 5.87
CA SER A 438 -19.27 22.45 5.54
C SER A 438 -19.56 23.44 6.67
N GLU A 439 -20.06 24.61 6.29
CA GLU A 439 -20.35 25.67 7.24
C GLU A 439 -21.62 25.31 8.01
N ILE A 440 -21.48 25.04 9.30
CA ILE A 440 -22.61 24.77 10.17
C ILE A 440 -22.95 26.06 10.90
N THR A 441 -24.12 26.62 10.63
CA THR A 441 -24.51 27.91 11.19
C THR A 441 -24.80 27.78 12.68
N GLU A 442 -24.86 28.94 13.34
CA GLU A 442 -25.14 28.95 14.78
C GLU A 442 -26.55 28.45 15.08
N GLN A 443 -27.49 28.67 14.15
CA GLN A 443 -28.83 28.13 14.34
C GLN A 443 -28.84 26.62 14.28
N GLU A 444 -28.07 26.04 13.35
CA GLU A 444 -28.01 24.59 13.23
C GLU A 444 -27.28 23.96 14.40
N LYS A 445 -26.30 24.66 14.99
CA LYS A 445 -25.62 24.14 16.17
C LYS A 445 -26.58 24.10 17.36
N ASP A 446 -27.35 25.17 17.56
CA ASP A 446 -28.35 25.17 18.64
C ASP A 446 -29.45 24.16 18.36
N PHE A 447 -29.73 23.90 17.08
CA PHE A 447 -30.74 22.89 16.73
C PHE A 447 -30.22 21.48 16.98
N LEU A 448 -28.94 21.24 16.70
CA LEU A 448 -28.36 19.93 16.96
C LEU A 448 -28.26 19.65 18.46
N TRP A 449 -27.94 20.67 19.25
CA TRP A 449 -27.75 20.45 20.68
C TRP A 449 -29.07 20.20 21.41
N SER A 450 -30.18 20.77 20.91
CA SER A 450 -31.46 20.56 21.56
C SER A 450 -31.95 19.13 21.39
N HIS A 451 -31.73 18.55 20.21
CA HIS A 451 -32.11 17.17 19.93
C HIS A 451 -30.95 16.19 20.13
N ARG A 452 -30.06 16.50 21.08
CA ARG A 452 -28.88 15.65 21.28
C ARG A 452 -29.26 14.25 21.75
N HIS A 453 -30.37 14.11 22.48
CA HIS A 453 -30.82 12.80 22.93
C HIS A 453 -31.47 12.00 21.83
N TYR A 454 -32.03 12.65 20.81
CA TYR A 454 -32.57 11.96 19.65
C TYR A 454 -31.51 11.68 18.59
N CYS A 455 -30.30 12.22 18.75
CA CYS A 455 -29.25 12.00 17.77
C CYS A 455 -28.67 10.60 17.85
N VAL A 456 -28.94 9.85 18.92
CA VAL A 456 -28.38 8.52 19.06
C VAL A 456 -28.97 7.56 18.03
N THR A 457 -30.13 7.88 17.45
CA THR A 457 -30.70 7.03 16.42
C THR A 457 -29.96 7.19 15.09
N ILE A 458 -29.36 8.35 14.86
CA ILE A 458 -28.53 8.59 13.70
C ILE A 458 -27.09 8.76 14.17
N PRO A 459 -26.37 7.67 14.44
CA PRO A 459 -25.07 7.80 15.13
C PRO A 459 -24.00 8.52 14.33
N GLU A 460 -24.11 8.58 13.00
CA GLU A 460 -23.10 9.26 12.21
C GLU A 460 -23.18 10.78 12.33
N ILE A 461 -24.16 11.32 13.06
CA ILE A 461 -24.24 12.76 13.29
C ILE A 461 -23.36 13.21 14.45
N LEU A 462 -22.67 12.28 15.10
CA LEU A 462 -21.82 12.63 16.24
C LEU A 462 -20.77 13.69 15.94
N PRO A 463 -20.01 13.62 14.83
CA PRO A 463 -19.01 14.68 14.59
C PRO A 463 -19.61 16.06 14.45
N LYS A 464 -20.82 16.17 13.88
CA LYS A 464 -21.49 17.46 13.81
C LYS A 464 -22.05 17.88 15.17
N LEU A 465 -22.47 16.93 15.99
CA LEU A 465 -22.99 17.27 17.31
C LEU A 465 -21.89 17.73 18.25
N LEU A 466 -20.70 17.13 18.15
CA LEU A 466 -19.60 17.51 19.02
C LEU A 466 -19.14 18.93 18.73
N LEU A 467 -19.08 19.32 17.45
CA LEU A 467 -18.66 20.66 17.09
C LEU A 467 -19.70 21.71 17.47
N SER A 468 -20.91 21.30 17.88
CA SER A 468 -21.95 22.20 18.34
C SER A 468 -22.02 22.27 19.86
N VAL A 469 -20.95 21.88 20.55
CA VAL A 469 -20.90 21.84 22.00
C VAL A 469 -19.96 22.93 22.48
N LYS A 470 -20.41 23.71 23.47
CA LYS A 470 -19.55 24.72 24.09
C LYS A 470 -18.64 24.00 25.08
N TRP A 471 -17.41 23.70 24.64
CA TRP A 471 -16.50 22.95 25.49
C TRP A 471 -15.98 23.76 26.67
N ASN A 472 -16.21 25.08 26.67
CA ASN A 472 -15.93 25.91 27.84
C ASN A 472 -17.10 25.93 28.82
N SER A 473 -18.01 24.97 28.71
CA SER A 473 -19.16 24.85 29.60
C SER A 473 -19.19 23.44 30.18
N ARG A 474 -18.88 23.32 31.46
CA ARG A 474 -18.89 22.00 32.09
C ARG A 474 -20.29 21.41 32.13
N ASP A 475 -21.33 22.24 31.99
CA ASP A 475 -22.70 21.73 31.95
C ASP A 475 -22.96 20.94 30.68
N GLU A 476 -22.42 21.41 29.56
CA GLU A 476 -22.61 20.70 28.29
C GLU A 476 -21.66 19.52 28.15
N VAL A 477 -20.41 19.69 28.58
CA VAL A 477 -19.42 18.62 28.46
C VAL A 477 -19.83 17.41 29.29
N ALA A 478 -20.44 17.65 30.46
CA ALA A 478 -20.90 16.54 31.28
C ALA A 478 -22.02 15.77 30.59
N GLN A 479 -22.99 16.49 30.02
CA GLN A 479 -24.07 15.81 29.31
C GLN A 479 -23.56 15.15 28.04
N MET A 480 -22.55 15.73 27.39
CA MET A 480 -21.98 15.11 26.20
C MET A 480 -21.18 13.86 26.56
N TYR A 481 -20.54 13.85 27.73
CA TYR A 481 -19.83 12.65 28.17
C TYR A 481 -20.79 11.49 28.36
N CYS A 482 -22.01 11.77 28.82
CA CYS A 482 -23.00 10.71 28.99
C CYS A 482 -23.48 10.18 27.64
N LEU A 483 -23.53 11.04 26.62
CA LEU A 483 -23.95 10.58 25.30
C LEU A 483 -22.86 9.74 24.64
N VAL A 484 -21.59 10.14 24.80
CA VAL A 484 -20.49 9.38 24.22
C VAL A 484 -20.33 8.04 24.94
N LYS A 485 -20.63 7.99 26.24
CA LYS A 485 -20.46 6.75 27.00
C LYS A 485 -21.32 5.62 26.44
N ASP A 486 -22.47 5.96 25.84
CA ASP A 486 -23.39 4.96 25.32
C ASP A 486 -23.64 5.10 23.83
N TRP A 487 -22.83 5.89 23.12
CA TRP A 487 -23.07 6.14 21.72
C TRP A 487 -22.85 4.85 20.91
N PRO A 488 -23.71 4.57 19.94
CA PRO A 488 -23.54 3.35 19.13
C PRO A 488 -22.30 3.43 18.27
N PRO A 489 -21.73 2.30 17.87
CA PRO A 489 -20.56 2.33 16.98
C PRO A 489 -20.93 2.79 15.58
N ILE A 490 -19.90 3.21 14.85
CA ILE A 490 -20.06 3.68 13.48
C ILE A 490 -18.95 3.08 12.62
N LYS A 491 -19.05 3.34 11.31
CA LYS A 491 -18.11 2.77 10.36
C LYS A 491 -16.69 3.26 10.65
N PRO A 492 -15.67 2.48 10.30
CA PRO A 492 -14.29 2.93 10.57
C PRO A 492 -13.92 4.19 9.82
N GLU A 493 -14.33 4.32 8.56
CA GLU A 493 -14.04 5.53 7.80
C GLU A 493 -14.66 6.76 8.43
N GLN A 494 -15.74 6.60 9.20
CA GLN A 494 -16.37 7.70 9.92
C GLN A 494 -15.71 7.98 11.25
N ALA A 495 -15.30 6.93 11.98
CA ALA A 495 -14.65 7.11 13.27
C ALA A 495 -13.29 7.79 13.14
N MET A 496 -12.62 7.66 11.99
CA MET A 496 -11.34 8.34 11.78
C MET A 496 -11.48 9.85 11.82
N GLU A 497 -12.67 10.39 11.51
CA GLU A 497 -12.87 11.82 11.61
C GLU A 497 -12.71 12.32 13.03
N LEU A 498 -13.14 11.52 14.01
CA LEU A 498 -13.03 11.87 15.42
C LEU A 498 -11.61 11.74 15.95
N LEU A 499 -10.62 11.49 15.10
CA LEU A 499 -9.23 11.38 15.53
C LEU A 499 -8.35 12.50 15.01
N ASP A 500 -8.92 13.47 14.28
CA ASP A 500 -8.12 14.55 13.72
C ASP A 500 -7.96 15.66 14.77
N CYS A 501 -7.56 16.85 14.34
CA CYS A 501 -7.29 17.94 15.28
C CYS A 501 -8.56 18.57 15.84
N ASN A 502 -9.71 18.34 15.22
CA ASN A 502 -10.94 18.98 15.65
C ASN A 502 -11.54 18.36 16.90
N TYR A 503 -11.15 17.15 17.26
CA TYR A 503 -11.75 16.41 18.37
C TYR A 503 -10.66 15.97 19.33
N PRO A 504 -10.21 16.88 20.20
CA PRO A 504 -9.12 16.56 21.14
C PRO A 504 -9.55 15.96 22.45
N ASP A 505 -10.84 15.80 22.70
CA ASP A 505 -11.29 15.28 23.98
C ASP A 505 -10.98 13.79 24.09
N PRO A 506 -10.41 13.33 25.20
CA PRO A 506 -10.07 11.89 25.31
C PRO A 506 -11.29 10.99 25.24
N MET A 507 -12.43 11.40 25.79
CA MET A 507 -13.64 10.59 25.70
C MET A 507 -14.12 10.46 24.26
N VAL A 508 -13.95 11.52 23.46
CA VAL A 508 -14.30 11.44 22.05
C VAL A 508 -13.37 10.49 21.31
N ARG A 509 -12.07 10.63 21.55
CA ARG A 509 -11.10 9.77 20.87
C ARG A 509 -11.18 8.32 21.35
N GLY A 510 -11.48 8.12 22.63
CA GLY A 510 -11.62 6.77 23.14
C GLY A 510 -12.76 6.01 22.47
N PHE A 511 -13.84 6.73 22.14
CA PHE A 511 -14.92 6.11 21.39
C PHE A 511 -14.47 5.73 19.99
N ALA A 512 -13.64 6.57 19.36
CA ALA A 512 -13.21 6.29 17.99
C ALA A 512 -12.30 5.06 17.93
N VAL A 513 -11.44 4.88 18.94
CA VAL A 513 -10.55 3.73 18.95
C VAL A 513 -11.34 2.44 19.16
N ARG A 514 -12.38 2.48 20.00
CA ARG A 514 -13.23 1.31 20.18
C ARG A 514 -13.90 0.90 18.88
N CYS A 515 -14.27 1.87 18.05
CA CYS A 515 -14.87 1.54 16.75
C CYS A 515 -13.85 0.92 15.80
N LEU A 516 -12.58 1.31 15.93
CA LEU A 516 -11.54 0.70 15.11
C LEU A 516 -11.16 -0.69 15.62
N GLU A 517 -11.15 -0.87 16.95
CA GLU A 517 -10.81 -2.17 17.52
C GLU A 517 -11.82 -3.25 17.16
N LYS A 518 -13.04 -2.87 16.78
CA LYS A 518 -14.09 -3.84 16.48
C LYS A 518 -14.39 -3.97 15.00
N TYR A 519 -14.27 -2.90 14.22
CA TYR A 519 -14.69 -2.91 12.82
C TYR A 519 -13.55 -2.79 11.82
N LEU A 520 -12.42 -2.18 12.20
CA LEU A 520 -11.33 -1.92 11.26
C LEU A 520 -10.58 -3.23 10.98
N THR A 521 -10.66 -3.70 9.75
CA THR A 521 -9.95 -4.92 9.36
C THR A 521 -8.47 -4.62 9.16
N ASP A 522 -7.66 -5.68 9.09
CA ASP A 522 -6.24 -5.52 8.84
C ASP A 522 -5.97 -4.99 7.44
N ASP A 523 -6.87 -5.27 6.49
CA ASP A 523 -6.72 -4.75 5.14
C ASP A 523 -6.84 -3.22 5.13
N LYS A 524 -7.91 -2.70 5.73
CA LYS A 524 -8.11 -1.25 5.77
C LYS A 524 -7.09 -0.57 6.68
N LEU A 525 -6.58 -1.29 7.69
CA LEU A 525 -5.55 -0.72 8.54
C LEU A 525 -4.27 -0.46 7.75
N SER A 526 -3.89 -1.40 6.88
CA SER A 526 -2.74 -1.17 6.01
C SER A 526 -3.00 0.02 5.08
N GLN A 527 -4.24 0.22 4.66
CA GLN A 527 -4.56 1.28 3.72
C GLN A 527 -4.46 2.66 4.38
N TYR A 528 -5.10 2.81 5.54
CA TYR A 528 -5.13 4.08 6.26
C TYR A 528 -4.05 4.19 7.32
N LEU A 529 -2.96 3.43 7.19
CA LEU A 529 -1.92 3.45 8.21
C LEU A 529 -1.16 4.78 8.21
N ILE A 530 -1.00 5.41 7.05
CA ILE A 530 -0.29 6.69 6.99
C ILE A 530 -1.04 7.75 7.77
N GLN A 531 -2.37 7.75 7.69
CA GLN A 531 -3.17 8.71 8.43
C GLN A 531 -3.15 8.43 9.92
N LEU A 532 -3.29 7.16 10.31
CA LEU A 532 -3.37 6.80 11.72
C LEU A 532 -2.08 7.07 12.48
N VAL A 533 -0.95 7.13 11.77
CA VAL A 533 0.31 7.49 12.44
C VAL A 533 0.37 8.98 12.70
N GLN A 534 -0.13 9.79 11.76
CA GLN A 534 -0.04 11.24 11.91
C GLN A 534 -0.92 11.73 13.05
N VAL A 535 -2.03 11.06 13.31
CA VAL A 535 -3.00 11.55 14.31
C VAL A 535 -2.52 11.16 15.69
N LEU A 536 -1.40 10.42 15.76
CA LEU A 536 -0.76 10.19 17.04
C LEU A 536 -0.15 11.48 17.59
N LYS A 537 0.24 12.40 16.70
CA LYS A 537 0.78 13.69 17.12
C LYS A 537 -0.27 14.63 17.68
N TYR A 538 -1.55 14.26 17.60
CA TYR A 538 -2.61 15.05 18.21
C TYR A 538 -2.91 14.62 19.65
N GLU A 539 -2.63 13.36 19.99
CA GLU A 539 -2.82 12.91 21.37
C GLU A 539 -1.85 13.64 22.29
N GLN A 540 -2.40 14.20 23.37
CA GLN A 540 -1.61 15.04 24.26
C GLN A 540 -0.78 14.25 25.26
N TYR A 541 -0.92 12.93 25.30
CA TYR A 541 -0.16 12.10 26.23
C TYR A 541 0.44 10.92 25.46
N LEU A 542 1.64 10.51 25.90
CA LEU A 542 2.32 9.40 25.25
C LEU A 542 1.56 8.09 25.44
N ASP A 543 0.96 7.90 26.61
CA ASP A 543 0.25 6.66 26.93
C ASP A 543 -1.24 6.89 26.72
N ASN A 544 -1.66 6.73 25.47
CA ASN A 544 -3.06 6.90 25.08
C ASN A 544 -3.62 5.57 24.58
N LEU A 545 -4.84 5.62 24.05
CA LEU A 545 -5.53 4.42 23.58
C LEU A 545 -5.27 4.13 22.10
N LEU A 546 -4.97 5.14 21.30
CA LEU A 546 -4.71 4.92 19.89
C LEU A 546 -3.36 4.23 19.68
N VAL A 547 -2.37 4.56 20.51
CA VAL A 547 -1.05 3.95 20.37
C VAL A 547 -1.08 2.48 20.77
N ARG A 548 -1.90 2.13 21.77
CA ARG A 548 -2.00 0.72 22.18
C ARG A 548 -2.69 -0.12 21.12
N PHE A 549 -3.55 0.49 20.30
CA PHE A 549 -4.21 -0.25 19.23
C PHE A 549 -3.27 -0.49 18.05
N LEU A 550 -2.46 0.51 17.70
CA LEU A 550 -1.53 0.36 16.59
C LEU A 550 -0.37 -0.55 16.96
N LEU A 551 0.16 -0.42 18.19
CA LEU A 551 1.29 -1.24 18.60
C LEU A 551 0.92 -2.71 18.64
N LYS A 552 -0.28 -3.03 19.14
CA LYS A 552 -0.70 -4.42 19.19
C LYS A 552 -0.91 -5.00 17.80
N LYS A 553 -1.50 -4.22 16.90
CA LYS A 553 -1.67 -4.70 15.53
C LYS A 553 -0.33 -4.81 14.80
N ALA A 554 0.64 -3.98 15.18
CA ALA A 554 1.96 -4.06 14.55
C ALA A 554 2.71 -5.31 15.01
N LEU A 555 2.56 -5.68 16.27
CA LEU A 555 3.20 -6.87 16.82
C LEU A 555 2.43 -8.15 16.51
N THR A 556 1.29 -8.05 15.82
CA THR A 556 0.52 -9.21 15.39
C THR A 556 0.58 -9.44 13.88
N ASN A 557 0.70 -8.37 13.10
CA ASN A 557 0.83 -8.46 11.65
C ASN A 557 2.19 -7.87 11.27
N GLN A 558 3.10 -8.74 10.80
CA GLN A 558 4.44 -8.28 10.46
C GLN A 558 4.42 -7.34 9.26
N ARG A 559 3.47 -7.52 8.34
CA ARG A 559 3.32 -6.58 7.24
C ARG A 559 2.85 -5.22 7.74
N ILE A 560 1.99 -5.21 8.77
CA ILE A 560 1.61 -3.95 9.40
C ILE A 560 2.80 -3.32 10.12
N GLY A 561 3.48 -4.11 10.97
CA GLY A 561 4.61 -3.60 11.71
C GLY A 561 5.78 -3.15 10.85
N HIS A 562 5.89 -3.69 9.63
CA HIS A 562 6.96 -3.26 8.74
C HIS A 562 6.83 -1.79 8.39
N PHE A 563 5.70 -1.40 7.80
CA PHE A 563 5.49 0.01 7.45
C PHE A 563 5.25 0.86 8.68
N PHE A 564 4.69 0.28 9.75
CA PHE A 564 4.59 0.99 11.01
C PHE A 564 5.97 1.37 11.54
N PHE A 565 7.00 0.57 11.20
CA PHE A 565 8.36 0.92 11.58
C PHE A 565 8.90 2.05 10.73
N TRP A 566 8.68 1.99 9.41
CA TRP A 566 9.23 3.00 8.52
C TRP A 566 8.48 4.32 8.58
N HIS A 567 7.17 4.28 8.84
CA HIS A 567 6.43 5.53 9.01
C HIS A 567 6.88 6.29 10.25
N LEU A 568 7.32 5.57 11.29
CA LEU A 568 7.84 6.22 12.48
C LEU A 568 9.32 6.59 12.31
N LYS A 569 10.09 5.72 11.68
CA LYS A 569 11.52 5.99 11.50
C LYS A 569 11.75 7.18 10.58
N SER A 570 10.86 7.42 9.62
CA SER A 570 11.04 8.50 8.67
C SER A 570 10.90 9.88 9.31
N GLU A 571 10.43 9.97 10.54
CA GLU A 571 10.26 11.26 11.22
C GLU A 571 11.09 11.39 12.48
N MET A 572 12.06 10.49 12.70
CA MET A 572 12.92 10.61 13.86
C MET A 572 13.84 11.82 13.77
N HIS A 573 14.03 12.38 12.58
CA HIS A 573 14.81 13.62 12.44
C HIS A 573 14.04 14.82 12.97
N ASN A 574 12.71 14.76 12.95
CA ASN A 574 11.87 15.83 13.49
C ASN A 574 11.96 15.80 15.00
N LYS A 575 12.61 16.80 15.60
CA LYS A 575 12.82 16.81 17.04
C LYS A 575 11.56 17.12 17.83
N THR A 576 10.46 17.47 17.16
CA THR A 576 9.19 17.63 17.86
C THR A 576 8.51 16.30 18.15
N VAL A 577 8.84 15.25 17.40
CA VAL A 577 8.20 13.95 17.54
C VAL A 577 9.24 12.86 17.72
N SER A 578 10.51 13.24 17.88
CA SER A 578 11.56 12.23 18.05
C SER A 578 11.40 11.46 19.35
N GLN A 579 10.91 12.11 20.41
CA GLN A 579 10.74 11.44 21.68
C GLN A 579 9.54 10.49 21.66
N ARG A 580 8.41 10.93 21.10
CA ARG A 580 7.23 10.07 21.05
C ARG A 580 7.49 8.86 20.17
N PHE A 581 7.97 9.08 18.94
CA PHE A 581 8.20 7.97 18.03
C PHE A 581 9.38 7.12 18.45
N GLY A 582 10.36 7.70 19.14
CA GLY A 582 11.51 6.93 19.60
C GLY A 582 11.13 5.92 20.68
N LEU A 583 10.30 6.35 21.64
CA LEU A 583 9.85 5.43 22.67
C LEU A 583 8.95 4.34 22.09
N LEU A 584 8.13 4.70 21.10
CA LEU A 584 7.26 3.71 20.47
C LEU A 584 8.06 2.75 19.60
N LEU A 585 9.07 3.26 18.88
CA LEU A 585 9.93 2.38 18.11
C LEU A 585 10.69 1.42 19.02
N GLU A 586 11.11 1.88 20.19
CA GLU A 586 11.83 1.01 21.12
C GLU A 586 10.96 -0.13 21.60
N SER A 587 9.69 0.16 21.93
CA SER A 587 8.79 -0.90 22.38
C SER A 587 8.45 -1.87 21.26
N TYR A 588 8.41 -1.39 20.00
CA TYR A 588 8.16 -2.28 18.88
C TYR A 588 9.38 -3.13 18.58
N CYS A 589 10.57 -2.53 18.57
CA CYS A 589 11.79 -3.30 18.33
C CYS A 589 12.05 -4.31 19.43
N ARG A 590 11.56 -4.04 20.64
CA ARG A 590 11.76 -4.95 21.76
C ARG A 590 10.77 -6.11 21.76
N ALA A 591 9.80 -6.11 20.86
CA ALA A 591 8.79 -7.17 20.83
C ALA A 591 8.47 -7.69 19.43
N CYS A 592 9.06 -7.13 18.38
CA CYS A 592 8.77 -7.61 17.03
C CYS A 592 9.39 -8.96 16.73
N GLY A 593 10.16 -9.53 17.65
CA GLY A 593 10.74 -10.83 17.44
C GLY A 593 12.00 -10.80 16.58
N MET A 594 12.13 -11.78 15.69
CA MET A 594 13.34 -11.90 14.88
C MET A 594 13.37 -10.89 13.74
N TYR A 595 12.23 -10.25 13.44
CA TYR A 595 12.17 -9.31 12.33
C TYR A 595 13.04 -8.08 12.55
N LEU A 596 13.53 -7.86 13.78
CA LEU A 596 14.42 -6.72 14.02
C LEU A 596 15.73 -6.85 13.24
N LYS A 597 16.22 -8.08 13.07
CA LYS A 597 17.43 -8.28 12.27
C LYS A 597 17.19 -7.92 10.81
N HIS A 598 16.02 -8.28 10.27
CA HIS A 598 15.70 -7.91 8.89
C HIS A 598 15.56 -6.40 8.75
N LEU A 599 14.96 -5.74 9.75
CA LEU A 599 14.83 -4.29 9.71
C LEU A 599 16.20 -3.62 9.77
N ASN A 600 17.11 -4.18 10.56
CA ASN A 600 18.44 -3.59 10.67
C ASN A 600 19.19 -3.66 9.35
N ARG A 601 19.00 -4.74 8.59
CA ARG A 601 19.61 -4.82 7.27
C ARG A 601 19.07 -3.74 6.35
N GLN A 602 17.77 -3.46 6.46
CA GLN A 602 17.19 -2.37 5.66
C GLN A 602 17.72 -1.02 6.12
N VAL A 603 17.86 -0.82 7.43
CA VAL A 603 18.35 0.46 7.95
C VAL A 603 19.79 0.69 7.49
N GLU A 604 20.65 -0.33 7.61
CA GLU A 604 22.03 -0.15 7.22
C GLU A 604 22.17 0.00 5.71
N ALA A 605 21.32 -0.67 4.94
CA ALA A 605 21.36 -0.51 3.48
C ALA A 605 20.98 0.91 3.08
N MET A 606 19.99 1.49 3.74
CA MET A 606 19.58 2.85 3.41
C MET A 606 20.63 3.86 3.86
N GLU A 607 21.24 3.63 5.02
CA GLU A 607 22.31 4.53 5.50
C GLU A 607 23.46 4.58 4.51
N LYS A 608 23.81 3.44 3.91
CA LYS A 608 24.86 3.44 2.91
C LYS A 608 24.45 4.22 1.66
N LEU A 609 23.21 4.05 1.21
CA LEU A 609 22.72 4.82 0.08
C LEU A 609 22.61 6.30 0.40
N ILE A 610 22.26 6.63 1.65
CA ILE A 610 22.17 8.04 2.05
C ILE A 610 23.56 8.66 2.08
N ASN A 611 24.52 7.98 2.71
CA ASN A 611 25.87 8.54 2.81
C ASN A 611 26.51 8.70 1.44
N LEU A 612 26.26 7.76 0.53
CA LEU A 612 26.85 7.83 -0.80
C LEU A 612 26.24 8.97 -1.61
N THR A 613 24.91 9.10 -1.60
CA THR A 613 24.27 10.18 -2.34
C THR A 613 24.56 11.53 -1.72
N ASP A 614 24.85 11.59 -0.41
CA ASP A 614 25.22 12.83 0.22
C ASP A 614 26.59 13.30 -0.24
N ILE A 615 27.60 12.42 -0.16
CA ILE A 615 28.93 12.80 -0.62
C ILE A 615 28.99 12.92 -2.13
N LEU A 616 28.06 12.30 -2.85
CA LEU A 616 27.97 12.50 -4.29
C LEU A 616 27.53 13.93 -4.60
N LYS A 617 26.52 14.42 -3.88
CA LYS A 617 26.10 15.81 -4.05
C LYS A 617 27.11 16.78 -3.42
N GLN A 618 27.72 16.40 -2.30
CA GLN A 618 28.61 17.31 -1.59
C GLN A 618 29.92 17.55 -2.33
N GLU A 619 30.31 16.63 -3.22
CA GLU A 619 31.61 16.73 -3.87
C GLU A 619 31.52 16.73 -5.40
N LYS A 620 30.59 15.99 -5.99
CA LYS A 620 30.54 15.86 -7.44
C LYS A 620 29.18 16.27 -8.01
N LYS A 621 28.54 17.29 -7.43
CA LYS A 621 27.23 17.71 -7.94
C LYS A 621 27.35 18.50 -9.23
N ASP A 622 28.41 19.28 -9.38
CA ASP A 622 28.62 20.05 -10.61
C ASP A 622 29.37 19.27 -11.67
N GLU A 623 30.07 18.21 -11.28
CA GLU A 623 30.81 17.40 -12.25
C GLU A 623 29.83 16.68 -13.18
N THR A 624 30.35 16.30 -14.36
CA THR A 624 29.51 15.67 -15.37
C THR A 624 29.05 14.29 -14.89
N GLN A 625 27.92 13.85 -15.45
CA GLN A 625 27.34 12.58 -15.03
C GLN A 625 28.24 11.40 -15.38
N LYS A 626 29.08 11.56 -16.41
CA LYS A 626 30.02 10.50 -16.76
C LYS A 626 31.04 10.28 -15.65
N VAL A 627 31.57 11.37 -15.08
CA VAL A 627 32.54 11.23 -14.00
C VAL A 627 31.85 11.05 -12.65
N GLN A 628 30.56 11.37 -12.54
CA GLN A 628 29.81 11.00 -11.34
C GLN A 628 29.66 9.49 -11.24
N MET A 629 29.53 8.81 -12.38
CA MET A 629 29.36 7.36 -12.36
C MET A 629 30.65 6.65 -11.99
N LYS A 630 31.78 7.11 -12.52
CA LYS A 630 33.06 6.48 -12.17
C LYS A 630 33.37 6.66 -10.70
N PHE A 631 32.89 7.73 -10.07
CA PHE A 631 32.99 7.87 -8.63
C PHE A 631 32.00 6.95 -7.92
N LEU A 632 30.83 6.72 -8.52
CA LEU A 632 29.83 5.88 -7.88
C LEU A 632 30.25 4.42 -7.85
N VAL A 633 30.80 3.91 -8.95
CA VAL A 633 31.16 2.49 -9.03
C VAL A 633 32.35 2.18 -8.13
N GLU A 634 33.23 3.15 -7.91
CA GLU A 634 34.34 2.91 -7.00
C GLU A 634 33.85 2.78 -5.56
N GLN A 635 32.85 3.57 -5.17
CA GLN A 635 32.30 3.46 -3.83
C GLN A 635 31.46 2.21 -3.67
N MET A 636 30.82 1.74 -4.74
CA MET A 636 29.95 0.59 -4.67
C MET A 636 30.69 -0.74 -4.81
N ARG A 637 31.89 -0.73 -5.38
CA ARG A 637 32.71 -1.94 -5.41
C ARG A 637 33.43 -2.21 -4.11
N ARG A 638 33.35 -1.29 -3.15
CA ARG A 638 34.02 -1.49 -1.86
C ARG A 638 33.40 -2.68 -1.14
N PRO A 639 34.19 -3.40 -0.34
CA PRO A 639 33.65 -4.60 0.32
C PRO A 639 32.58 -4.29 1.34
N ASP A 640 32.77 -3.24 2.15
CA ASP A 640 31.78 -2.92 3.17
C ASP A 640 30.45 -2.48 2.56
N PHE A 641 30.49 -1.81 1.41
CA PHE A 641 29.26 -1.36 0.77
C PHE A 641 28.58 -2.49 -0.01
N MET A 642 29.37 -3.40 -0.58
CA MET A 642 28.80 -4.45 -1.42
C MET A 642 27.90 -5.38 -0.62
N ASP A 643 28.41 -5.92 0.49
CA ASP A 643 27.60 -6.83 1.29
C ASP A 643 26.51 -6.11 2.08
N ALA A 644 26.65 -4.81 2.31
CA ALA A 644 25.61 -4.05 2.99
C ALA A 644 24.41 -3.77 2.10
N LEU A 645 24.59 -3.76 0.78
CA LEU A 645 23.52 -3.50 -0.17
C LEU A 645 23.01 -4.77 -0.83
N GLN A 646 23.29 -5.93 -0.24
CA GLN A 646 22.87 -7.21 -0.82
C GLN A 646 22.31 -8.09 0.27
N GLY A 647 21.20 -8.78 -0.03
CA GLY A 647 20.61 -9.71 0.90
C GLY A 647 19.76 -9.07 1.97
N PHE A 648 18.74 -8.32 1.58
CA PHE A 648 17.79 -7.74 2.52
C PHE A 648 16.44 -7.60 1.83
N LEU A 649 15.45 -7.18 2.59
CA LEU A 649 14.08 -7.08 2.11
C LEU A 649 13.78 -5.68 1.58
N SER A 650 12.96 -5.61 0.54
CA SER A 650 12.60 -4.34 -0.07
C SER A 650 11.73 -3.53 0.89
N PRO A 651 12.12 -2.30 1.23
CA PRO A 651 11.23 -1.47 2.06
C PRO A 651 9.90 -1.15 1.40
N LEU A 652 9.85 -1.11 0.07
CA LEU A 652 8.58 -0.88 -0.61
C LEU A 652 7.64 -2.06 -0.46
N ASN A 653 8.19 -3.27 -0.49
CA ASN A 653 7.39 -4.50 -0.37
C ASN A 653 8.26 -5.53 0.35
N PRO A 654 8.03 -5.77 1.64
CA PRO A 654 8.87 -6.72 2.38
C PRO A 654 8.80 -8.15 1.86
N ALA A 655 7.84 -8.46 0.99
CA ALA A 655 7.80 -9.77 0.34
C ALA A 655 8.78 -9.89 -0.82
N HIS A 656 9.41 -8.79 -1.21
CA HIS A 656 10.39 -8.79 -2.30
C HIS A 656 11.79 -8.97 -1.70
N GLN A 657 12.43 -10.09 -2.00
CA GLN A 657 13.80 -10.33 -1.59
C GLN A 657 14.76 -9.70 -2.59
N LEU A 658 15.79 -9.05 -2.07
CA LEU A 658 16.81 -8.40 -2.88
C LEU A 658 18.11 -9.17 -2.73
N GLY A 659 18.65 -9.65 -3.85
CA GLY A 659 19.86 -10.46 -3.81
C GLY A 659 21.11 -9.67 -4.12
N ASN A 660 21.79 -10.03 -5.20
CA ASN A 660 23.05 -9.39 -5.57
C ASN A 660 22.79 -8.12 -6.35
N LEU A 661 23.58 -7.09 -6.06
CA LEU A 661 23.46 -5.81 -6.74
C LEU A 661 24.14 -5.89 -8.10
N ARG A 662 23.37 -5.75 -9.17
CA ARG A 662 23.92 -5.77 -10.53
C ARG A 662 24.50 -4.40 -10.85
N LEU A 663 25.81 -4.26 -10.59
CA LEU A 663 26.51 -3.01 -10.85
C LEU A 663 26.37 -2.57 -12.30
N GLU A 664 26.32 -3.53 -13.23
CA GLU A 664 26.24 -3.21 -14.66
C GLU A 664 24.97 -2.44 -15.02
N GLU A 665 23.90 -2.60 -14.24
CA GLU A 665 22.62 -1.98 -14.54
C GLU A 665 22.32 -0.75 -13.70
N CYS A 666 23.07 -0.53 -12.62
CA CYS A 666 22.87 0.65 -11.79
C CYS A 666 23.42 1.89 -12.49
N ARG A 667 22.74 3.02 -12.28
CA ARG A 667 23.10 4.25 -12.96
C ARG A 667 22.51 5.43 -12.21
N ILE A 668 23.08 6.61 -12.46
CA ILE A 668 22.57 7.86 -11.94
C ILE A 668 21.64 8.46 -12.99
N MET A 669 20.40 8.72 -12.60
CA MET A 669 19.39 9.16 -13.56
C MET A 669 19.61 10.61 -13.96
N SER A 670 19.03 10.98 -15.10
CA SER A 670 19.18 12.33 -15.67
C SER A 670 18.20 13.33 -15.09
N SER A 671 17.89 13.23 -13.80
CA SER A 671 17.01 14.17 -13.13
C SER A 671 17.85 15.21 -12.39
N ALA A 672 17.19 16.00 -11.55
CA ALA A 672 17.86 17.14 -10.90
C ALA A 672 18.69 16.70 -9.71
N LYS A 673 18.06 16.06 -8.73
CA LYS A 673 18.70 15.74 -7.45
C LYS A 673 19.43 14.40 -7.48
N ARG A 674 19.91 13.97 -8.65
CA ARG A 674 20.72 12.77 -8.84
C ARG A 674 20.04 11.52 -8.26
N PRO A 675 18.92 11.08 -8.84
CA PRO A 675 18.33 9.81 -8.39
C PRO A 675 19.17 8.63 -8.82
N LEU A 676 19.09 7.55 -8.06
CA LEU A 676 19.88 6.35 -8.30
C LEU A 676 18.96 5.23 -8.78
N TRP A 677 19.13 4.83 -10.03
CA TRP A 677 18.45 3.66 -10.58
C TRP A 677 19.22 2.42 -10.12
N LEU A 678 18.62 1.64 -9.23
CA LEU A 678 19.27 0.49 -8.63
C LEU A 678 18.60 -0.79 -9.11
N ASN A 679 19.42 -1.77 -9.49
CA ASN A 679 18.95 -3.06 -10.02
C ASN A 679 19.46 -4.16 -9.12
N TRP A 680 18.55 -4.98 -8.60
CA TRP A 680 18.88 -6.11 -7.74
C TRP A 680 18.47 -7.42 -8.42
N GLU A 681 18.94 -8.52 -7.83
CA GLU A 681 18.59 -9.85 -8.27
C GLU A 681 17.49 -10.42 -7.40
N ASN A 682 16.50 -11.05 -8.03
CA ASN A 682 15.47 -11.75 -7.28
C ASN A 682 15.96 -13.14 -6.92
N PRO A 683 16.21 -13.42 -5.63
CA PRO A 683 16.81 -14.70 -5.27
C PRO A 683 15.80 -15.79 -4.97
N ASP A 684 14.56 -15.63 -5.44
CA ASP A 684 13.56 -16.66 -5.26
C ASP A 684 13.86 -17.85 -6.18
N ILE A 685 13.45 -19.04 -5.74
CA ILE A 685 13.74 -20.25 -6.50
C ILE A 685 13.08 -20.21 -7.86
N MET A 686 11.98 -19.47 -7.99
CA MET A 686 11.28 -19.31 -9.26
C MET A 686 11.12 -17.81 -9.56
N SER A 687 12.26 -17.12 -9.63
CA SER A 687 12.24 -15.68 -9.86
C SER A 687 11.78 -15.33 -11.27
N GLU A 688 12.11 -16.17 -12.25
CA GLU A 688 11.76 -15.87 -13.64
C GLU A 688 10.25 -15.90 -13.89
N LEU A 689 9.50 -16.65 -13.08
CA LEU A 689 8.06 -16.72 -13.27
C LEU A 689 7.34 -15.43 -12.88
N LEU A 690 8.02 -14.53 -12.17
CA LEU A 690 7.45 -13.23 -11.83
C LEU A 690 8.28 -12.12 -12.46
N PHE A 691 9.44 -11.83 -11.86
CA PHE A 691 10.42 -10.96 -12.47
C PHE A 691 11.79 -11.35 -11.93
N GLN A 692 12.79 -11.34 -12.81
CA GLN A 692 14.12 -11.82 -12.47
C GLN A 692 15.00 -10.73 -11.86
N ASN A 693 14.68 -9.46 -12.08
CA ASN A 693 15.45 -8.35 -11.52
C ASN A 693 14.49 -7.35 -10.91
N ASN A 694 14.89 -6.79 -9.77
CA ASN A 694 14.08 -5.82 -9.03
C ASN A 694 14.68 -4.44 -9.22
N GLU A 695 13.89 -3.50 -9.72
CA GLU A 695 14.34 -2.15 -10.02
C GLU A 695 13.67 -1.16 -9.09
N ILE A 696 14.47 -0.37 -8.38
CA ILE A 696 13.98 0.63 -7.43
C ILE A 696 14.77 1.90 -7.61
N ILE A 697 14.08 3.03 -7.56
CA ILE A 697 14.70 4.35 -7.66
C ILE A 697 14.91 4.89 -6.25
N PHE A 698 16.14 5.22 -5.91
CA PHE A 698 16.49 5.83 -4.63
C PHE A 698 16.68 7.33 -4.87
N LYS A 699 15.81 8.14 -4.28
CA LYS A 699 15.86 9.58 -4.44
C LYS A 699 16.33 10.23 -3.15
N ASN A 700 17.17 11.25 -3.28
CA ASN A 700 17.75 11.95 -2.13
C ASN A 700 17.79 13.44 -2.47
N GLY A 701 16.78 14.18 -2.01
CA GLY A 701 16.72 15.61 -2.25
C GLY A 701 15.33 16.16 -2.32
N ASP A 702 14.39 15.36 -2.82
CA ASP A 702 12.99 15.75 -2.96
C ASP A 702 12.17 15.12 -1.84
N ASP A 703 11.12 15.83 -1.44
CA ASP A 703 10.20 15.31 -0.42
C ASP A 703 9.16 14.42 -1.08
N LEU A 704 8.96 13.23 -0.53
CA LEU A 704 8.08 12.23 -1.12
C LEU A 704 6.78 12.04 -0.35
N ARG A 705 6.48 12.92 0.61
CA ARG A 705 5.25 12.77 1.39
C ARG A 705 4.02 13.14 0.54
N GLN A 706 4.15 14.15 -0.32
CA GLN A 706 3.03 14.52 -1.18
C GLN A 706 2.75 13.44 -2.21
N ASP A 707 3.82 12.82 -2.75
CA ASP A 707 3.62 11.74 -3.71
C ASP A 707 3.02 10.51 -3.05
N MET A 708 3.33 10.27 -1.77
CA MET A 708 2.69 9.17 -1.05
C MET A 708 1.20 9.41 -0.88
N LEU A 709 0.83 10.64 -0.51
CA LEU A 709 -0.59 10.93 -0.26
C LEU A 709 -1.40 10.89 -1.55
N THR A 710 -0.85 11.44 -2.64
CA THR A 710 -1.56 11.40 -3.92
C THR A 710 -1.71 9.98 -4.42
N LEU A 711 -0.67 9.15 -4.27
CA LEU A 711 -0.76 7.77 -4.71
C LEU A 711 -1.71 6.96 -3.83
N GLN A 712 -1.82 7.31 -2.55
CA GLN A 712 -2.78 6.61 -1.68
C GLN A 712 -4.21 6.94 -2.08
N ILE A 713 -4.47 8.18 -2.49
CA ILE A 713 -5.82 8.58 -2.86
C ILE A 713 -6.20 7.99 -4.22
N ILE A 714 -5.24 7.94 -5.14
CA ILE A 714 -5.49 7.32 -6.45
C ILE A 714 -5.88 5.85 -6.27
N ARG A 715 -5.22 5.16 -5.34
CA ARG A 715 -5.52 3.75 -5.10
C ARG A 715 -6.93 3.59 -4.54
N ILE A 716 -7.37 4.52 -3.70
CA ILE A 716 -8.72 4.45 -3.16
C ILE A 716 -9.74 4.80 -4.23
N MET A 717 -9.42 5.79 -5.08
CA MET A 717 -10.32 6.15 -6.16
C MET A 717 -10.52 4.98 -7.13
N GLU A 718 -9.45 4.23 -7.41
CA GLU A 718 -9.59 3.03 -8.23
C GLU A 718 -10.40 1.97 -7.50
N ASN A 719 -10.21 1.83 -6.19
CA ASN A 719 -10.98 0.87 -5.43
C ASN A 719 -12.45 1.23 -5.37
N ILE A 720 -12.77 2.53 -5.33
CA ILE A 720 -14.17 2.95 -5.35
C ILE A 720 -14.79 2.71 -6.72
N TRP A 721 -14.06 3.03 -7.78
CA TRP A 721 -14.59 2.83 -9.13
C TRP A 721 -14.80 1.35 -9.43
N GLN A 722 -13.84 0.50 -9.05
CA GLN A 722 -13.96 -0.92 -9.35
C GLN A 722 -15.07 -1.58 -8.53
N ASN A 723 -15.34 -1.07 -7.34
CA ASN A 723 -16.34 -1.67 -6.45
C ASN A 723 -17.77 -1.31 -6.83
N GLN A 724 -17.99 -0.63 -7.98
CA GLN A 724 -19.34 -0.32 -8.40
C GLN A 724 -19.49 -0.27 -9.92
N GLY A 725 -18.68 -1.04 -10.64
CA GLY A 725 -18.86 -1.26 -12.06
C GLY A 725 -17.86 -0.56 -12.96
N LEU A 726 -17.28 0.55 -12.52
CA LEU A 726 -16.37 1.31 -13.37
C LEU A 726 -15.00 0.65 -13.40
N ASP A 727 -14.59 0.19 -14.57
CA ASP A 727 -13.30 -0.48 -14.75
C ASP A 727 -12.28 0.52 -15.28
N LEU A 728 -11.95 1.49 -14.43
CA LEU A 728 -10.92 2.49 -14.72
C LEU A 728 -9.65 2.06 -14.00
N ARG A 729 -8.62 1.70 -14.78
CA ARG A 729 -7.38 1.20 -14.23
C ARG A 729 -6.37 2.32 -14.06
N MET A 730 -5.99 2.59 -12.82
CA MET A 730 -4.95 3.53 -12.49
C MET A 730 -3.63 2.77 -12.31
N LEU A 731 -2.59 3.47 -11.86
CA LEU A 731 -1.30 2.84 -11.55
C LEU A 731 -0.70 3.52 -10.31
N PRO A 732 -1.26 3.23 -9.13
CA PRO A 732 -0.66 3.77 -7.90
C PRO A 732 0.61 3.01 -7.54
N TYR A 733 1.73 3.41 -8.14
CA TYR A 733 2.98 2.70 -7.95
C TYR A 733 3.51 2.93 -6.53
N GLY A 734 4.53 2.16 -6.17
CA GLY A 734 5.05 2.22 -4.82
C GLY A 734 5.85 3.47 -4.56
N CYS A 735 5.77 3.95 -3.32
CA CYS A 735 6.53 5.11 -2.86
C CYS A 735 6.56 5.07 -1.34
N LEU A 736 7.68 5.47 -0.77
CA LEU A 736 7.86 5.37 0.68
C LEU A 736 8.96 6.33 1.11
N SER A 737 8.60 7.32 1.91
CA SER A 737 9.58 8.22 2.50
C SER A 737 10.24 7.53 3.68
N ILE A 738 11.57 7.40 3.64
CA ILE A 738 12.32 6.73 4.69
C ILE A 738 13.11 7.72 5.54
N GLY A 739 12.93 9.01 5.32
CA GLY A 739 13.64 10.00 6.10
C GLY A 739 13.36 11.39 5.58
N ASP A 740 14.24 12.32 5.93
CA ASP A 740 14.08 13.72 5.53
C ASP A 740 14.41 13.85 4.05
N CYS A 741 13.38 13.86 3.21
CA CYS A 741 13.53 14.04 1.77
C CYS A 741 14.36 12.92 1.13
N VAL A 742 14.24 11.70 1.66
CA VAL A 742 14.84 10.51 1.06
C VAL A 742 13.80 9.40 1.05
N GLY A 743 13.80 8.59 -0.01
CA GLY A 743 12.82 7.53 -0.10
C GLY A 743 13.05 6.68 -1.33
N LEU A 744 12.12 5.75 -1.54
CA LEU A 744 12.19 4.81 -2.64
C LEU A 744 10.96 4.96 -3.54
N ILE A 745 11.15 4.69 -4.82
CA ILE A 745 10.10 4.79 -5.82
C ILE A 745 10.08 3.50 -6.63
N GLU A 746 8.89 2.92 -6.81
CA GLU A 746 8.77 1.70 -7.57
C GLU A 746 8.93 1.98 -9.06
N VAL A 747 9.68 1.11 -9.73
CA VAL A 747 9.90 1.20 -11.17
C VAL A 747 8.82 0.41 -11.89
N VAL A 748 8.14 1.04 -12.83
CA VAL A 748 7.15 0.38 -13.68
C VAL A 748 7.80 0.04 -15.01
N ARG A 749 7.73 -1.23 -15.39
CA ARG A 749 8.40 -1.72 -16.58
C ARG A 749 7.53 -1.51 -17.81
N ASN A 750 8.18 -1.53 -18.98
CA ASN A 750 7.51 -1.43 -20.28
C ASN A 750 6.73 -0.14 -20.41
N SER A 751 7.19 0.93 -19.76
CA SER A 751 6.53 2.22 -19.80
C SER A 751 7.46 3.26 -20.39
N HIS A 752 6.90 4.12 -21.23
CA HIS A 752 7.64 5.21 -21.85
C HIS A 752 6.85 6.51 -21.69
N THR A 753 7.58 7.62 -21.70
CA THR A 753 6.95 8.93 -21.67
C THR A 753 6.44 9.29 -23.05
N ILE A 754 5.40 10.14 -23.10
CA ILE A 754 4.87 10.57 -24.39
C ILE A 754 5.88 11.42 -25.14
N MET A 755 6.83 12.03 -24.43
CA MET A 755 7.93 12.71 -25.12
C MET A 755 8.89 11.70 -25.74
N GLN A 756 9.11 10.56 -25.06
CA GLN A 756 9.95 9.51 -25.60
C GLN A 756 9.30 8.79 -26.77
N ILE A 757 7.97 8.80 -26.85
CA ILE A 757 7.29 8.18 -27.99
C ILE A 757 7.21 9.15 -29.16
N GLN A 758 7.00 10.45 -28.87
CA GLN A 758 6.93 11.44 -29.93
C GLN A 758 8.28 11.65 -30.61
N CYS A 759 9.38 11.40 -29.90
CA CYS A 759 10.71 11.54 -30.48
C CYS A 759 11.18 10.30 -31.21
N LYS A 760 10.41 9.21 -31.18
CA LYS A 760 10.79 8.00 -31.87
C LYS A 760 10.67 8.12 -33.39
N GLY A 761 9.94 9.12 -33.87
CA GLY A 761 9.79 9.32 -35.30
C GLY A 761 8.35 9.19 -35.78
N PHE A 769 6.98 16.59 -33.31
CA PHE A 769 5.77 16.97 -32.59
C PHE A 769 4.52 16.73 -33.44
N ASN A 770 4.40 15.53 -33.99
CA ASN A 770 3.24 15.14 -34.78
C ASN A 770 2.20 14.49 -33.89
N SER A 771 0.94 14.86 -34.11
CA SER A 771 -0.14 14.37 -33.24
C SER A 771 -0.45 12.90 -33.50
N HIS A 772 -0.20 12.42 -34.72
CA HIS A 772 -0.49 11.05 -35.09
C HIS A 772 0.63 10.07 -34.75
N THR A 773 1.69 10.55 -34.07
CA THR A 773 2.79 9.66 -33.72
C THR A 773 2.40 8.69 -32.61
N LEU A 774 1.54 9.14 -31.68
CA LEU A 774 1.17 8.28 -30.55
C LEU A 774 0.27 7.14 -31.00
N HIS A 775 -0.69 7.43 -31.88
CA HIS A 775 -1.62 6.39 -32.32
C HIS A 775 -0.91 5.32 -33.14
N GLN A 776 0.07 5.72 -33.95
CA GLN A 776 0.77 4.75 -34.79
C GLN A 776 1.63 3.80 -33.96
N TRP A 777 2.13 4.26 -32.81
CA TRP A 777 2.97 3.39 -31.98
C TRP A 777 2.15 2.36 -31.24
N LEU A 778 0.95 2.74 -30.76
CA LEU A 778 0.06 1.77 -30.14
C LEU A 778 -0.43 0.74 -31.14
N LYS A 779 -0.66 1.15 -32.39
CA LYS A 779 -1.10 0.21 -33.42
C LYS A 779 0.02 -0.75 -33.78
N ASP A 780 1.27 -0.27 -33.81
CA ASP A 780 2.39 -1.14 -34.12
C ASP A 780 2.69 -2.10 -32.95
N LYS A 781 2.52 -1.61 -31.72
CA LYS A 781 2.76 -2.45 -30.55
C LYS A 781 1.62 -3.42 -30.28
N ASN A 782 0.42 -3.13 -30.77
CA ASN A 782 -0.76 -3.97 -30.58
C ASN A 782 -1.44 -4.13 -31.94
N LYS A 783 -1.06 -5.18 -32.68
CA LYS A 783 -1.61 -5.45 -34.00
C LYS A 783 -2.40 -6.76 -33.97
N GLY A 784 -3.56 -6.74 -34.61
CA GLY A 784 -4.42 -7.91 -34.63
C GLY A 784 -5.73 -7.67 -33.89
N GLU A 785 -6.24 -8.70 -33.22
CA GLU A 785 -7.45 -8.55 -32.42
C GLU A 785 -7.18 -7.92 -31.06
N ILE A 786 -5.93 -7.54 -30.78
CA ILE A 786 -5.58 -6.95 -29.49
C ILE A 786 -5.56 -5.44 -29.61
N TYR A 787 -5.95 -4.93 -30.79
CA TYR A 787 -5.93 -3.49 -31.02
C TYR A 787 -7.02 -2.79 -30.22
N ASP A 788 -8.26 -3.25 -30.36
CA ASP A 788 -9.37 -2.62 -29.64
C ASP A 788 -9.21 -2.75 -28.13
N ALA A 789 -8.51 -3.78 -27.67
CA ALA A 789 -8.24 -3.92 -26.24
C ALA A 789 -7.27 -2.85 -25.77
N ALA A 790 -6.24 -2.57 -26.57
CA ALA A 790 -5.30 -1.51 -26.21
C ALA A 790 -5.96 -0.14 -26.29
N ILE A 791 -6.86 0.06 -27.26
CA ILE A 791 -7.62 1.30 -27.33
C ILE A 791 -8.54 1.42 -26.11
N ASP A 792 -9.16 0.32 -25.70
CA ASP A 792 -10.05 0.34 -24.55
C ASP A 792 -9.29 0.67 -23.27
N LEU A 793 -8.14 0.02 -23.06
CA LEU A 793 -7.35 0.27 -21.86
C LEU A 793 -6.82 1.69 -21.81
N PHE A 794 -6.56 2.30 -22.97
CA PHE A 794 -6.05 3.66 -22.99
C PHE A 794 -7.10 4.66 -22.53
N THR A 795 -8.28 4.64 -23.17
CA THR A 795 -9.31 5.63 -22.88
C THR A 795 -9.86 5.49 -21.46
N ARG A 796 -9.87 4.27 -20.92
CA ARG A 796 -10.34 4.09 -19.54
C ARG A 796 -9.32 4.64 -18.55
N SER A 797 -8.05 4.28 -18.72
CA SER A 797 -7.01 4.84 -17.87
C SER A 797 -6.84 6.33 -18.08
N CYS A 798 -7.13 6.82 -19.28
CA CYS A 798 -7.06 8.24 -19.54
C CYS A 798 -8.18 8.99 -18.82
N ALA A 799 -9.37 8.40 -18.76
CA ALA A 799 -10.49 9.02 -18.06
C ALA A 799 -10.28 9.03 -16.56
N GLY A 800 -9.65 7.99 -16.01
CA GLY A 800 -9.42 7.94 -14.58
C GLY A 800 -8.49 9.04 -14.11
N TYR A 801 -7.34 9.17 -14.77
CA TYR A 801 -6.39 10.22 -14.40
C TYR A 801 -6.86 11.60 -14.83
N CYS A 802 -7.83 11.69 -15.75
CA CYS A 802 -8.39 12.98 -16.08
C CYS A 802 -9.31 13.48 -14.97
N VAL A 803 -10.09 12.58 -14.38
CA VAL A 803 -10.97 12.96 -13.28
C VAL A 803 -10.18 13.14 -11.99
N ALA A 804 -9.19 12.27 -11.75
CA ALA A 804 -8.45 12.32 -10.50
C ALA A 804 -7.58 13.57 -10.41
N THR A 805 -6.86 13.89 -11.49
CA THR A 805 -5.98 15.05 -11.47
C THR A 805 -6.76 16.36 -11.35
N PHE A 806 -7.99 16.39 -11.88
CA PHE A 806 -8.80 17.60 -11.75
C PHE A 806 -9.31 17.78 -10.33
N ILE A 807 -9.80 16.70 -9.71
CA ILE A 807 -10.34 16.79 -8.36
C ILE A 807 -9.23 17.12 -7.36
N LEU A 808 -8.09 16.43 -7.47
CA LEU A 808 -6.98 16.68 -6.55
C LEU A 808 -6.24 17.97 -6.88
N GLY A 809 -6.27 18.41 -8.13
CA GLY A 809 -5.56 19.61 -8.53
C GLY A 809 -4.06 19.45 -8.45
N ILE A 810 -3.53 18.39 -9.07
CA ILE A 810 -2.11 18.09 -9.02
C ILE A 810 -1.35 19.06 -9.92
N GLY A 811 -0.02 19.00 -9.84
CA GLY A 811 0.79 19.86 -10.68
C GLY A 811 0.48 19.76 -12.16
N ASP A 812 0.76 20.84 -12.88
CA ASP A 812 0.44 20.92 -14.30
C ASP A 812 1.14 19.82 -15.07
N ARG A 813 0.36 18.92 -15.67
CA ARG A 813 0.92 17.85 -16.46
C ARG A 813 1.51 18.40 -17.75
N HIS A 814 2.63 17.81 -18.18
CA HIS A 814 3.24 18.16 -19.45
C HIS A 814 3.70 16.88 -20.13
N ASN A 815 4.44 17.01 -21.23
CA ASN A 815 4.85 15.87 -22.03
C ASN A 815 5.86 14.97 -21.33
N SER A 816 6.31 15.32 -20.12
CA SER A 816 7.23 14.50 -19.36
C SER A 816 6.62 13.93 -18.09
N ASN A 817 5.36 14.26 -17.80
CA ASN A 817 4.67 13.71 -16.64
C ASN A 817 3.61 12.68 -17.00
N ILE A 818 3.51 12.30 -18.28
CA ILE A 818 2.49 11.38 -18.75
C ILE A 818 3.19 10.20 -19.42
N MET A 819 2.90 8.99 -18.93
CA MET A 819 3.51 7.78 -19.44
C MET A 819 2.46 6.81 -19.95
N VAL A 820 2.86 5.97 -20.89
CA VAL A 820 2.00 4.94 -21.48
C VAL A 820 2.74 3.60 -21.43
N LYS A 821 2.01 2.54 -21.15
CA LYS A 821 2.59 1.20 -21.17
C LYS A 821 2.39 0.54 -22.54
N ASP A 822 2.88 -0.69 -22.67
CA ASP A 822 2.81 -1.37 -23.96
C ASP A 822 1.40 -1.83 -24.28
N ASP A 823 0.60 -2.14 -23.27
CA ASP A 823 -0.78 -2.56 -23.48
C ASP A 823 -1.75 -1.40 -23.60
N GLY A 824 -1.25 -0.16 -23.55
CA GLY A 824 -2.08 1.02 -23.69
C GLY A 824 -2.40 1.72 -22.38
N GLN A 825 -2.00 1.16 -21.24
CA GLN A 825 -2.33 1.76 -19.96
C GLN A 825 -1.63 3.09 -19.78
N LEU A 826 -2.40 4.12 -19.42
CA LEU A 826 -1.88 5.47 -19.23
C LEU A 826 -1.85 5.80 -17.74
N PHE A 827 -0.81 6.53 -17.31
CA PHE A 827 -0.70 6.94 -15.93
C PHE A 827 0.23 8.15 -15.85
N HIS A 828 0.22 8.82 -14.70
CA HIS A 828 1.01 10.01 -14.48
C HIS A 828 2.07 9.75 -13.40
N ILE A 829 3.09 10.61 -13.40
CA ILE A 829 4.17 10.54 -12.42
C ILE A 829 4.46 11.95 -11.93
N ASP A 830 5.28 12.02 -10.88
CA ASP A 830 5.77 13.28 -10.31
C ASP A 830 4.62 14.17 -9.84
N PHE A 831 3.98 13.72 -8.77
CA PHE A 831 2.91 14.48 -8.11
C PHE A 831 3.54 15.41 -7.07
N GLY A 832 4.18 16.46 -7.59
CA GLY A 832 4.92 17.36 -6.71
C GLY A 832 4.02 18.17 -5.80
N HIS A 833 3.02 18.84 -6.38
CA HIS A 833 2.10 19.69 -5.64
C HIS A 833 0.67 19.27 -5.91
N PHE A 834 -0.22 19.71 -5.02
CA PHE A 834 -1.66 19.49 -5.20
C PHE A 834 -2.40 20.74 -4.73
N LEU A 835 -3.73 20.64 -4.74
CA LEU A 835 -4.64 21.67 -4.23
C LEU A 835 -4.30 23.05 -4.78
N ASP A 836 -4.25 24.10 -3.96
CA ASP A 836 -4.09 25.47 -4.43
C ASP A 836 -2.63 25.84 -4.60
N HIS A 837 -2.39 26.91 -5.38
CA HIS A 837 -1.05 27.43 -5.58
C HIS A 837 -1.04 28.95 -5.43
N GLU A 847 -9.44 26.13 -9.87
CA GLU A 847 -10.29 25.82 -11.00
C GLU A 847 -9.46 25.46 -12.24
N ARG A 848 -8.23 24.99 -11.98
CA ARG A 848 -7.31 24.65 -13.06
C ARG A 848 -7.41 23.16 -13.39
N VAL A 849 -7.40 22.86 -14.68
CA VAL A 849 -7.43 21.49 -15.18
C VAL A 849 -6.01 21.10 -15.57
N PRO A 850 -5.33 20.23 -14.83
CA PRO A 850 -3.93 19.94 -15.13
C PRO A 850 -3.75 19.01 -16.32
N PHE A 851 -4.59 17.98 -16.42
CA PHE A 851 -4.49 17.02 -17.52
C PHE A 851 -5.40 17.49 -18.65
N VAL A 852 -4.89 18.45 -19.42
CA VAL A 852 -5.60 18.96 -20.58
C VAL A 852 -5.38 17.99 -21.74
N LEU A 853 -6.43 17.27 -22.12
CA LEU A 853 -6.35 16.31 -23.21
C LEU A 853 -6.05 17.01 -24.53
N THR A 854 -4.83 16.90 -25.01
CA THR A 854 -4.48 17.45 -26.31
C THR A 854 -5.04 16.57 -27.43
N GLN A 855 -4.87 17.02 -28.67
CA GLN A 855 -5.36 16.26 -29.81
C GLN A 855 -4.63 14.93 -29.97
N ASP A 856 -3.42 14.80 -29.43
CA ASP A 856 -2.70 13.53 -29.51
C ASP A 856 -3.44 12.44 -28.76
N PHE A 857 -4.04 12.78 -27.60
CA PHE A 857 -4.83 11.79 -26.86
C PHE A 857 -6.21 11.61 -27.46
N LEU A 858 -6.81 12.67 -27.99
CA LEU A 858 -8.15 12.57 -28.55
C LEU A 858 -8.19 11.73 -29.82
N ILE A 859 -7.07 11.60 -30.52
CA ILE A 859 -7.05 10.81 -31.74
C ILE A 859 -7.11 9.32 -31.42
N VAL A 860 -6.27 8.88 -30.48
CA VAL A 860 -6.21 7.45 -30.16
C VAL A 860 -7.46 7.01 -29.41
N ILE A 861 -8.10 7.92 -28.66
CA ILE A 861 -9.34 7.56 -27.96
C ILE A 861 -10.42 7.15 -28.96
N SER A 862 -10.58 7.92 -30.03
CA SER A 862 -11.58 7.65 -31.06
C SER A 862 -11.03 6.76 -32.17
N LYS A 863 -9.93 6.05 -31.91
CA LYS A 863 -9.34 5.11 -32.88
C LYS A 863 -8.92 5.82 -34.16
N GLY A 864 -8.44 7.05 -34.04
CA GLY A 864 -7.90 7.78 -35.15
C GLY A 864 -8.92 8.18 -36.20
N ALA A 865 -9.79 9.14 -35.87
CA ALA A 865 -10.80 9.63 -36.78
C ALA A 865 -10.33 10.93 -37.42
N GLN A 866 -11.16 11.46 -38.33
CA GLN A 866 -10.84 12.72 -38.98
C GLN A 866 -11.07 13.92 -38.06
N GLU A 867 -12.11 13.86 -37.23
CA GLU A 867 -12.41 14.89 -36.25
C GLU A 867 -12.57 14.21 -34.90
N CYS A 868 -11.54 14.33 -34.06
CA CYS A 868 -11.50 13.61 -32.79
C CYS A 868 -12.53 14.13 -31.78
N THR A 869 -13.08 15.32 -32.01
CA THR A 869 -14.03 15.89 -31.06
C THR A 869 -15.45 15.35 -31.22
N LYS A 870 -15.79 14.82 -32.40
CA LYS A 870 -17.13 14.33 -32.69
C LYS A 870 -17.02 12.86 -33.11
N THR A 871 -17.04 11.96 -32.13
CA THR A 871 -16.97 10.53 -32.39
C THR A 871 -17.81 9.80 -31.36
N ARG A 872 -18.41 8.68 -31.79
CA ARG A 872 -19.17 7.86 -30.86
C ARG A 872 -18.30 7.34 -29.73
N GLU A 873 -17.00 7.17 -29.98
CA GLU A 873 -16.10 6.72 -28.92
C GLU A 873 -15.80 7.84 -27.93
N PHE A 874 -15.77 9.09 -28.40
CA PHE A 874 -15.56 10.20 -27.49
C PHE A 874 -16.76 10.43 -26.59
N GLU A 875 -17.96 10.09 -27.08
CA GLU A 875 -19.14 10.16 -26.23
C GLU A 875 -19.08 9.11 -25.13
N ARG A 876 -18.55 7.92 -25.44
CA ARG A 876 -18.32 6.91 -24.41
C ARG A 876 -17.27 7.37 -23.41
N PHE A 877 -16.28 8.15 -23.87
CA PHE A 877 -15.21 8.60 -22.99
C PHE A 877 -15.75 9.55 -21.92
N GLN A 878 -16.36 10.65 -22.34
CA GLN A 878 -16.87 11.62 -21.37
C GLN A 878 -17.96 11.01 -20.49
N GLU A 879 -18.68 10.01 -21.00
CA GLU A 879 -19.65 9.31 -20.19
C GLU A 879 -18.98 8.58 -19.03
N MET A 880 -17.75 8.10 -19.24
CA MET A 880 -17.00 7.51 -18.14
C MET A 880 -16.46 8.58 -17.19
N CYS A 881 -16.06 9.73 -17.74
CA CYS A 881 -15.60 10.82 -16.89
C CYS A 881 -16.72 11.38 -16.03
N TYR A 882 -17.98 11.28 -16.48
CA TYR A 882 -19.09 11.75 -15.69
C TYR A 882 -19.42 10.77 -14.56
N LYS A 883 -19.35 9.46 -14.84
CA LYS A 883 -19.60 8.48 -13.79
C LYS A 883 -18.49 8.49 -12.75
N ALA A 884 -17.24 8.63 -13.19
CA ALA A 884 -16.11 8.65 -12.25
C ALA A 884 -16.15 9.90 -11.37
N TYR A 885 -16.58 11.03 -11.93
CA TYR A 885 -16.65 12.26 -11.15
C TYR A 885 -17.71 12.16 -10.07
N LEU A 886 -18.92 11.70 -10.42
CA LEU A 886 -19.98 11.55 -9.43
C LEU A 886 -19.70 10.42 -8.44
N ALA A 887 -18.84 9.48 -8.81
CA ALA A 887 -18.49 8.40 -7.88
C ALA A 887 -17.63 8.92 -6.74
N ILE A 888 -16.61 9.72 -7.06
CA ILE A 888 -15.78 10.31 -6.02
C ILE A 888 -16.58 11.30 -5.19
N ARG A 889 -17.60 11.92 -5.79
CA ARG A 889 -18.39 12.90 -5.07
C ARG A 889 -19.27 12.26 -4.00
N GLN A 890 -19.66 11.00 -4.19
CA GLN A 890 -20.45 10.32 -3.17
C GLN A 890 -19.60 9.98 -1.95
N HIS A 891 -18.39 9.50 -2.16
CA HIS A 891 -17.45 9.21 -1.08
C HIS A 891 -16.60 10.41 -0.70
N ALA A 892 -17.08 11.62 -0.98
CA ALA A 892 -16.29 12.82 -0.74
C ALA A 892 -15.99 13.05 0.74
N ASN A 893 -16.78 12.45 1.63
CA ASN A 893 -16.51 12.61 3.06
C ASN A 893 -15.20 11.94 3.45
N LEU A 894 -14.91 10.77 2.87
CA LEU A 894 -13.69 10.05 3.22
C LEU A 894 -12.44 10.82 2.79
N PHE A 895 -12.46 11.42 1.60
CA PHE A 895 -11.27 12.11 1.09
C PHE A 895 -10.99 13.37 1.88
N ILE A 896 -12.02 14.09 2.31
CA ILE A 896 -11.82 15.29 3.12
C ILE A 896 -11.19 14.92 4.46
N ASN A 897 -11.53 13.74 5.00
CA ASN A 897 -10.95 13.32 6.27
C ASN A 897 -9.47 12.96 6.11
N LEU A 898 -9.10 12.33 5.00
CA LEU A 898 -7.71 11.91 4.82
C LEU A 898 -6.77 13.10 4.77
N PHE A 899 -7.24 14.25 4.27
CA PHE A 899 -6.41 15.45 4.28
C PHE A 899 -6.36 16.09 5.66
N SER A 900 -7.48 16.10 6.38
CA SER A 900 -7.50 16.68 7.72
C SER A 900 -6.69 15.86 8.73
N MET A 901 -6.50 14.57 8.48
CA MET A 901 -5.62 13.77 9.32
C MET A 901 -4.16 13.99 9.00
N MET A 902 -3.85 14.58 7.84
CA MET A 902 -2.49 14.86 7.43
C MET A 902 -2.05 16.28 7.73
N LEU A 903 -2.91 17.10 8.35
CA LEU A 903 -2.54 18.46 8.68
C LEU A 903 -1.45 18.51 9.73
N GLY A 904 -1.50 17.59 10.71
CA GLY A 904 -0.45 17.53 11.71
C GLY A 904 0.92 17.25 11.13
N SER A 905 0.96 16.53 10.01
CA SER A 905 2.20 16.35 9.27
C SER A 905 2.71 17.69 8.76
N GLY A 906 4.02 17.88 8.80
CA GLY A 906 4.62 19.09 8.29
C GLY A 906 4.69 19.11 6.77
N MET A 907 3.54 19.24 6.12
CA MET A 907 3.49 19.21 4.66
C MET A 907 3.23 20.60 4.12
N PRO A 908 3.98 21.04 3.10
CA PRO A 908 3.84 22.44 2.64
C PRO A 908 2.47 22.76 2.08
N GLU A 909 1.89 21.86 1.28
CA GLU A 909 0.60 22.14 0.65
C GLU A 909 -0.56 21.99 1.63
N LEU A 910 -0.36 21.33 2.76
CA LEU A 910 -1.39 21.15 3.79
C LEU A 910 -0.98 21.92 5.03
N GLN A 911 -1.42 23.19 5.10
CA GLN A 911 -1.16 24.04 6.25
C GLN A 911 -2.41 24.35 7.04
N SER A 912 -3.51 24.69 6.37
CA SER A 912 -4.78 24.98 7.02
C SER A 912 -5.89 24.26 6.29
N PHE A 913 -7.09 24.31 6.87
CA PHE A 913 -8.26 23.74 6.22
C PHE A 913 -8.62 24.46 4.92
N ASP A 914 -8.13 25.70 4.74
CA ASP A 914 -8.36 26.41 3.50
C ASP A 914 -7.73 25.69 2.31
N ASP A 915 -6.59 25.04 2.52
CA ASP A 915 -6.01 24.21 1.47
C ASP A 915 -6.90 23.02 1.18
N ILE A 916 -7.45 22.39 2.22
CA ILE A 916 -8.32 21.23 2.02
C ILE A 916 -9.62 21.65 1.33
N ALA A 917 -10.06 22.89 1.54
CA ALA A 917 -11.30 23.36 0.95
C ALA A 917 -11.26 23.40 -0.58
N TYR A 918 -10.09 23.16 -1.18
CA TYR A 918 -10.02 23.15 -2.64
C TYR A 918 -10.84 22.00 -3.23
N ILE A 919 -10.84 20.84 -2.56
CA ILE A 919 -11.61 19.71 -3.07
C ILE A 919 -13.11 19.96 -2.99
N ARG A 920 -13.55 20.87 -2.12
CA ARG A 920 -14.96 21.23 -2.10
C ARG A 920 -15.36 22.00 -3.35
N LYS A 921 -14.43 22.76 -3.92
CA LYS A 921 -14.72 23.50 -5.14
C LYS A 921 -14.72 22.60 -6.36
N THR A 922 -13.76 21.68 -6.44
CA THR A 922 -13.69 20.77 -7.59
C THR A 922 -14.76 19.70 -7.56
N LEU A 923 -15.32 19.40 -6.38
CA LEU A 923 -16.42 18.44 -6.27
C LEU A 923 -17.78 19.12 -6.19
N ALA A 924 -17.83 20.43 -5.96
CA ALA A 924 -19.07 21.19 -5.86
C ALA A 924 -20.00 20.58 -4.81
N LEU A 925 -19.52 20.59 -3.56
CA LEU A 925 -20.28 20.02 -2.46
C LEU A 925 -21.44 20.91 -2.03
N ASP A 926 -21.35 22.21 -2.29
CA ASP A 926 -22.41 23.14 -1.94
C ASP A 926 -23.46 23.26 -3.03
N LYS A 927 -23.46 22.35 -4.00
CA LYS A 927 -24.42 22.34 -5.09
C LYS A 927 -25.13 20.99 -5.13
N THR A 928 -26.19 20.92 -5.94
CA THR A 928 -26.86 19.65 -6.16
C THR A 928 -26.04 18.78 -7.10
N GLU A 929 -26.40 17.49 -7.16
CA GLU A 929 -25.67 16.57 -8.01
C GLU A 929 -25.85 16.89 -9.49
N GLN A 930 -26.90 17.63 -9.86
CA GLN A 930 -27.06 18.04 -11.25
C GLN A 930 -26.20 19.26 -11.57
N GLU A 931 -26.11 20.21 -10.63
CA GLU A 931 -25.24 21.36 -10.84
C GLU A 931 -23.77 20.97 -10.85
N ALA A 932 -23.39 20.00 -10.01
CA ALA A 932 -22.00 19.59 -9.93
C ALA A 932 -21.52 18.96 -11.24
N LEU A 933 -22.37 18.15 -11.87
CA LEU A 933 -22.00 17.56 -13.15
C LEU A 933 -21.86 18.63 -14.23
N GLU A 934 -22.66 19.69 -14.15
CA GLU A 934 -22.51 20.81 -15.07
C GLU A 934 -21.30 21.68 -14.73
N TYR A 935 -20.81 21.61 -13.50
CA TYR A 935 -19.57 22.29 -13.16
C TYR A 935 -18.36 21.58 -13.76
N PHE A 936 -18.41 20.24 -13.84
CA PHE A 936 -17.34 19.49 -14.47
C PHE A 936 -17.22 19.81 -15.94
N MET A 937 -18.25 20.43 -16.54
CA MET A 937 -18.18 20.85 -17.94
C MET A 937 -17.17 21.96 -18.17
N LYS A 938 -16.66 22.60 -17.11
CA LYS A 938 -15.60 23.58 -17.30
C LYS A 938 -14.31 22.91 -17.78
N GLN A 939 -14.13 21.64 -17.46
CA GLN A 939 -12.97 20.90 -17.95
C GLN A 939 -13.15 20.49 -19.41
N MET A 940 -14.31 19.91 -19.74
CA MET A 940 -14.57 19.47 -21.11
C MET A 940 -14.78 20.63 -22.06
N ASN A 941 -14.95 21.86 -21.57
CA ASN A 941 -15.21 23.01 -22.43
C ASN A 941 -14.14 24.09 -22.26
N ASP A 942 -14.09 24.75 -21.11
CA ASP A 942 -13.18 25.90 -20.96
C ASP A 942 -11.73 25.48 -21.10
N ALA A 943 -11.36 24.33 -20.54
CA ALA A 943 -9.98 23.89 -20.59
C ALA A 943 -9.61 23.34 -21.96
N HIS A 944 -10.52 22.62 -22.60
CA HIS A 944 -10.27 22.02 -23.91
C HIS A 944 -10.69 22.92 -25.07
N HIS A 945 -11.22 24.10 -24.78
CA HIS A 945 -11.65 25.05 -25.82
C HIS A 945 -12.66 24.41 -26.77
N GLY A 946 -13.56 23.61 -26.21
CA GLY A 946 -14.58 22.95 -27.01
C GLY A 946 -14.96 21.58 -26.48
N GLY A 947 -16.25 21.37 -26.26
CA GLY A 947 -16.73 20.09 -25.76
C GLY A 947 -18.08 20.26 -25.08
N TRP A 948 -18.46 19.20 -24.37
CA TRP A 948 -19.75 19.16 -23.66
C TRP A 948 -20.92 19.42 -24.60
N MET B 2 25.32 -30.36 -18.72
CA MET B 2 24.50 -31.37 -19.38
C MET B 2 23.48 -30.73 -20.32
N THR B 3 23.42 -31.23 -21.55
CA THR B 3 22.52 -30.66 -22.53
C THR B 3 21.07 -30.99 -22.22
N GLU B 4 20.19 -30.01 -22.41
CA GLU B 4 18.76 -30.17 -22.21
C GLU B 4 18.05 -29.95 -23.54
N TYR B 5 17.00 -30.74 -23.78
CA TYR B 5 16.22 -30.67 -25.01
C TYR B 5 14.78 -30.32 -24.66
N LYS B 6 14.25 -29.27 -25.29
CA LYS B 6 12.90 -28.80 -25.02
C LYS B 6 11.98 -29.42 -26.06
N LEU B 7 11.30 -30.50 -25.68
CA LEU B 7 10.39 -31.22 -26.56
C LEU B 7 8.95 -30.82 -26.26
N VAL B 8 8.14 -30.76 -27.31
CA VAL B 8 6.72 -30.42 -27.20
C VAL B 8 5.91 -31.50 -27.90
N VAL B 9 4.81 -31.91 -27.27
CA VAL B 9 3.92 -32.94 -27.80
C VAL B 9 2.60 -32.28 -28.13
N VAL B 10 2.26 -32.23 -29.43
CA VAL B 10 1.01 -31.62 -29.88
C VAL B 10 0.12 -32.67 -30.52
N GLY B 11 -1.06 -32.26 -30.97
CA GLY B 11 -2.00 -33.16 -31.60
C GLY B 11 -3.42 -32.78 -31.23
N ALA B 12 -4.36 -33.62 -31.66
CA ALA B 12 -5.78 -33.40 -31.39
C ALA B 12 -6.17 -34.03 -30.05
N GLY B 13 -7.44 -33.86 -29.68
CA GLY B 13 -7.92 -34.37 -28.41
C GLY B 13 -8.19 -35.87 -28.48
N GLY B 14 -7.70 -36.59 -27.49
CA GLY B 14 -7.92 -38.02 -27.41
C GLY B 14 -6.97 -38.88 -28.21
N VAL B 15 -5.97 -38.29 -28.86
CA VAL B 15 -5.01 -39.06 -29.65
C VAL B 15 -4.05 -39.87 -28.78
N GLY B 16 -4.03 -39.62 -27.48
CA GLY B 16 -3.17 -40.35 -26.58
C GLY B 16 -1.77 -39.77 -26.47
N LYS B 17 -1.67 -38.45 -26.45
CA LYS B 17 -0.37 -37.80 -26.34
C LYS B 17 0.12 -37.72 -24.91
N SER B 18 -0.77 -37.84 -23.92
CA SER B 18 -0.35 -37.85 -22.53
C SER B 18 0.10 -39.24 -22.09
N ALA B 19 -0.59 -40.28 -22.59
CA ALA B 19 -0.21 -41.64 -22.22
C ALA B 19 1.18 -41.99 -22.77
N LEU B 20 1.59 -41.37 -23.87
CA LEU B 20 2.94 -41.60 -24.38
C LEU B 20 3.99 -41.07 -23.42
N THR B 21 3.74 -39.91 -22.80
CA THR B 21 4.71 -39.34 -21.88
C THR B 21 4.70 -40.08 -20.55
N ILE B 22 3.52 -40.45 -20.06
CA ILE B 22 3.45 -41.20 -18.80
C ILE B 22 4.11 -42.57 -18.97
N GLN B 23 3.97 -43.17 -20.14
CA GLN B 23 4.64 -44.44 -20.43
C GLN B 23 6.15 -44.27 -20.52
N LEU B 24 6.64 -43.05 -20.71
CA LEU B 24 8.09 -42.82 -20.81
C LEU B 24 8.72 -42.70 -19.43
N ILE B 25 8.15 -41.86 -18.57
CA ILE B 25 8.77 -41.56 -17.28
C ILE B 25 8.53 -42.70 -16.29
N GLN B 26 7.26 -43.04 -16.05
CA GLN B 26 6.89 -44.01 -15.03
C GLN B 26 6.49 -45.35 -15.61
N ASN B 27 6.69 -45.56 -16.92
CA ASN B 27 6.26 -46.76 -17.66
C ASN B 27 4.90 -47.25 -17.21
N HIS B 28 3.97 -46.32 -16.94
CA HIS B 28 2.61 -46.64 -16.54
C HIS B 28 1.66 -46.26 -17.66
N PHE B 29 0.70 -47.14 -17.93
CA PHE B 29 -0.34 -46.87 -18.91
C PHE B 29 -1.63 -46.49 -18.19
N VAL B 30 -2.29 -45.44 -18.65
CA VAL B 30 -3.51 -44.95 -18.05
C VAL B 30 -4.65 -45.09 -19.05
N ASP B 31 -5.82 -45.49 -18.56
CA ASP B 31 -7.02 -45.57 -19.37
C ASP B 31 -8.02 -44.47 -19.09
N GLU B 32 -8.01 -43.93 -17.87
CA GLU B 32 -8.92 -42.84 -17.51
C GLU B 32 -8.52 -41.59 -18.28
N TYR B 33 -9.35 -41.18 -19.24
CA TYR B 33 -9.08 -40.00 -20.04
C TYR B 33 -9.26 -38.73 -19.20
N ASP B 34 -8.16 -38.26 -18.60
CA ASP B 34 -8.17 -36.98 -17.92
C ASP B 34 -7.65 -35.92 -18.88
N PRO B 35 -8.49 -35.03 -19.38
CA PRO B 35 -8.01 -34.01 -20.33
C PRO B 35 -6.94 -33.13 -19.69
N THR B 36 -5.86 -32.91 -20.43
CA THR B 36 -4.74 -32.12 -19.97
C THR B 36 -4.81 -30.72 -20.56
N ILE B 37 -4.44 -29.72 -19.76
CA ILE B 37 -4.36 -28.34 -20.22
C ILE B 37 -2.94 -28.07 -20.68
N GLU B 38 -1.98 -28.16 -19.77
CA GLU B 38 -0.56 -28.03 -20.10
C GLU B 38 0.32 -28.46 -18.92
N ASP B 39 0.81 -29.69 -18.96
CA ASP B 39 1.69 -30.21 -17.92
C ASP B 39 3.10 -30.38 -18.47
N SER B 40 4.08 -30.34 -17.58
CA SER B 40 5.48 -30.48 -17.96
C SER B 40 6.12 -31.63 -17.19
N TYR B 41 6.92 -32.42 -17.90
CA TYR B 41 7.66 -33.54 -17.33
C TYR B 41 9.13 -33.39 -17.69
N ARG B 42 9.97 -34.16 -17.00
CA ARG B 42 11.39 -34.20 -17.33
C ARG B 42 12.00 -35.47 -16.77
N LYS B 43 12.90 -36.07 -17.54
CA LYS B 43 13.65 -37.25 -17.11
C LYS B 43 14.89 -37.37 -17.98
N GLN B 44 16.03 -37.63 -17.35
CA GLN B 44 17.28 -37.76 -18.08
C GLN B 44 17.48 -39.19 -18.56
N VAL B 45 18.17 -39.32 -19.70
CA VAL B 45 18.48 -40.62 -20.27
C VAL B 45 19.58 -40.42 -21.29
N VAL B 46 20.45 -41.42 -21.42
CA VAL B 46 21.55 -41.36 -22.38
C VAL B 46 21.04 -41.80 -23.75
N ILE B 47 21.33 -41.01 -24.77
CA ILE B 47 20.91 -41.28 -26.14
C ILE B 47 22.12 -41.15 -27.05
N ASP B 48 22.39 -42.21 -27.84
CA ASP B 48 23.56 -42.27 -28.71
C ASP B 48 24.84 -42.02 -27.94
N GLY B 49 24.93 -42.62 -26.75
CA GLY B 49 26.10 -42.44 -25.90
C GLY B 49 26.26 -41.06 -25.33
N GLU B 50 25.26 -40.19 -25.45
CA GLU B 50 25.34 -38.81 -24.97
C GLU B 50 24.24 -38.60 -23.93
N THR B 51 24.64 -38.51 -22.66
CA THR B 51 23.69 -38.21 -21.60
C THR B 51 23.11 -36.82 -21.80
N CYS B 52 21.79 -36.70 -21.60
CA CYS B 52 21.10 -35.45 -21.85
C CYS B 52 19.86 -35.37 -20.97
N LEU B 53 19.20 -34.22 -21.03
CA LEU B 53 17.97 -33.98 -20.28
C LEU B 53 16.84 -33.71 -21.26
N LEU B 54 15.66 -34.24 -20.95
CA LEU B 54 14.48 -34.12 -21.80
C LEU B 54 13.46 -33.22 -21.11
N ASP B 55 13.23 -32.03 -21.68
CA ASP B 55 12.26 -31.09 -21.14
C ASP B 55 10.97 -31.23 -21.94
N ILE B 56 10.16 -32.21 -21.56
CA ILE B 56 8.93 -32.54 -22.26
C ILE B 56 7.80 -31.66 -21.74
N LEU B 57 7.02 -31.08 -22.65
CA LEU B 57 5.88 -30.24 -22.32
C LEU B 57 4.65 -30.82 -23.00
N ASP B 58 3.72 -31.35 -22.22
CA ASP B 58 2.49 -31.90 -22.76
C ASP B 58 1.46 -30.79 -22.96
N THR B 59 0.80 -30.81 -24.11
CA THR B 59 -0.14 -29.77 -24.50
C THR B 59 -1.57 -30.30 -24.42
N ALA B 60 -2.53 -29.46 -24.84
CA ALA B 60 -3.95 -29.78 -24.81
C ALA B 60 -4.43 -30.12 -26.20
N GLY B 61 -5.09 -31.27 -26.34
CA GLY B 61 -5.65 -31.65 -27.63
C GLY B 61 -6.95 -30.97 -27.97
N GLN B 62 -7.65 -30.43 -26.97
CA GLN B 62 -8.91 -29.76 -27.21
C GLN B 62 -8.69 -28.39 -27.84
N GLU B 63 -9.63 -27.97 -28.68
CA GLU B 63 -9.60 -26.64 -29.27
C GLU B 63 -10.00 -25.56 -28.27
N GLU B 64 -10.24 -25.91 -27.01
CA GLU B 64 -10.66 -24.92 -26.03
C GLU B 64 -9.49 -24.03 -25.60
N TYR B 65 -8.30 -24.61 -25.47
CA TYR B 65 -7.11 -23.90 -25.02
C TYR B 65 -6.15 -23.63 -26.18
N SER B 66 -6.70 -23.34 -27.36
CA SER B 66 -5.86 -23.08 -28.54
C SER B 66 -5.15 -21.73 -28.46
N ALA B 67 -5.53 -20.86 -27.53
CA ALA B 67 -4.84 -19.57 -27.42
C ALA B 67 -3.44 -19.72 -26.86
N MET B 68 -3.20 -20.78 -26.07
CA MET B 68 -1.89 -21.01 -25.47
C MET B 68 -0.91 -21.64 -26.46
N ARG B 69 -1.30 -21.85 -27.71
CA ARG B 69 -0.42 -22.48 -28.68
C ARG B 69 0.77 -21.59 -29.02
N ASP B 70 0.54 -20.28 -29.16
CA ASP B 70 1.60 -19.36 -29.55
C ASP B 70 2.74 -19.32 -28.56
N GLN B 71 2.52 -19.73 -27.31
CA GLN B 71 3.56 -19.66 -26.30
C GLN B 71 4.51 -20.85 -26.35
N TYR B 72 3.97 -22.07 -26.30
CA TYR B 72 4.84 -23.24 -26.27
C TYR B 72 5.44 -23.54 -27.64
N MET B 73 4.86 -23.01 -28.72
CA MET B 73 5.45 -23.14 -30.04
C MET B 73 6.59 -22.16 -30.27
N ARG B 74 6.87 -21.29 -29.31
CA ARG B 74 7.96 -20.33 -29.40
C ARG B 74 9.19 -20.75 -28.62
N THR B 75 9.01 -21.44 -27.48
CA THR B 75 10.12 -21.91 -26.67
C THR B 75 10.51 -23.35 -26.96
N GLY B 76 9.76 -24.05 -27.81
CA GLY B 76 10.05 -25.45 -28.08
C GLY B 76 11.16 -25.60 -29.10
N GLU B 77 12.13 -26.44 -28.78
CA GLU B 77 13.21 -26.73 -29.73
C GLU B 77 12.76 -27.76 -30.76
N GLY B 78 12.13 -28.85 -30.29
CA GLY B 78 11.57 -29.85 -31.16
C GLY B 78 10.08 -30.02 -30.94
N PHE B 79 9.44 -30.80 -31.81
CA PHE B 79 8.01 -31.04 -31.74
C PHE B 79 7.71 -32.48 -32.08
N LEU B 80 6.72 -33.05 -31.38
CA LEU B 80 6.31 -34.44 -31.54
C LEU B 80 4.85 -34.44 -31.98
N CYS B 81 4.62 -34.36 -33.30
CA CYS B 81 3.27 -34.34 -33.84
C CYS B 81 2.67 -35.74 -33.73
N VAL B 82 1.64 -35.88 -32.90
CA VAL B 82 0.98 -37.16 -32.64
C VAL B 82 -0.44 -37.10 -33.18
N PHE B 83 -0.85 -38.13 -33.91
CA PHE B 83 -2.21 -38.26 -34.38
C PHE B 83 -2.74 -39.64 -33.99
N ALA B 84 -4.07 -39.73 -33.92
CA ALA B 84 -4.73 -40.99 -33.61
C ALA B 84 -5.01 -41.75 -34.90
N ILE B 85 -4.67 -43.04 -34.91
CA ILE B 85 -4.92 -43.85 -36.09
C ILE B 85 -6.42 -44.06 -36.29
N ASN B 86 -7.18 -44.18 -35.20
CA ASN B 86 -8.62 -44.32 -35.31
C ASN B 86 -9.26 -43.02 -35.81
N ASN B 87 -8.91 -41.89 -35.17
CA ASN B 87 -9.50 -40.61 -35.51
C ASN B 87 -8.89 -40.09 -36.80
N THR B 88 -9.70 -40.04 -37.87
CA THR B 88 -9.22 -39.51 -39.14
C THR B 88 -9.01 -38.00 -39.07
N LYS B 89 -9.78 -37.31 -38.22
CA LYS B 89 -9.65 -35.86 -38.11
C LYS B 89 -8.29 -35.46 -37.56
N SER B 90 -7.73 -36.27 -36.65
CA SER B 90 -6.42 -35.95 -36.09
C SER B 90 -5.35 -35.91 -37.17
N PHE B 91 -5.47 -36.78 -38.17
CA PHE B 91 -4.55 -36.75 -39.30
C PHE B 91 -4.84 -35.61 -40.25
N GLU B 92 -6.04 -35.02 -40.18
CA GLU B 92 -6.39 -33.91 -41.06
C GLU B 92 -5.90 -32.58 -40.48
N ASP B 93 -6.24 -32.30 -39.22
CA ASP B 93 -5.84 -31.04 -38.59
C ASP B 93 -4.40 -31.05 -38.09
N ILE B 94 -3.67 -32.16 -38.27
CA ILE B 94 -2.25 -32.15 -37.98
C ILE B 94 -1.51 -31.25 -38.95
N HIS B 95 -2.11 -30.98 -40.11
CA HIS B 95 -1.55 -29.99 -41.03
C HIS B 95 -1.64 -28.58 -40.45
N HIS B 96 -2.75 -28.26 -39.78
CA HIS B 96 -2.92 -26.94 -39.20
C HIS B 96 -1.93 -26.68 -38.07
N TYR B 97 -1.46 -27.75 -37.42
CA TYR B 97 -0.46 -27.58 -36.37
C TYR B 97 0.91 -27.26 -36.95
N ARG B 98 1.29 -27.97 -38.02
CA ARG B 98 2.62 -27.76 -38.61
C ARG B 98 2.73 -26.37 -39.24
N GLU B 99 1.70 -25.93 -39.95
CA GLU B 99 1.74 -24.61 -40.56
C GLU B 99 1.71 -23.50 -39.51
N GLN B 100 1.08 -23.75 -38.37
CA GLN B 100 1.09 -22.76 -37.30
C GLN B 100 2.45 -22.69 -36.63
N ILE B 101 3.13 -23.83 -36.50
CA ILE B 101 4.51 -23.83 -36.00
C ILE B 101 5.42 -23.09 -36.97
N LYS B 102 5.27 -23.37 -38.26
CA LYS B 102 6.08 -22.71 -39.28
C LYS B 102 5.76 -21.23 -39.42
N ARG B 103 4.67 -20.75 -38.81
CA ARG B 103 4.35 -19.34 -38.82
C ARG B 103 5.04 -18.59 -37.68
N VAL B 104 4.93 -19.12 -36.46
CA VAL B 104 5.61 -18.50 -35.32
C VAL B 104 7.12 -18.58 -35.51
N LYS B 105 7.63 -19.78 -35.80
CA LYS B 105 9.02 -19.97 -36.18
C LYS B 105 9.09 -19.89 -37.70
N ASP B 106 9.58 -18.75 -38.21
CA ASP B 106 9.54 -18.50 -39.65
C ASP B 106 10.33 -19.51 -40.46
N SER B 107 11.25 -20.23 -39.83
CA SER B 107 12.02 -21.25 -40.54
C SER B 107 11.12 -22.39 -41.00
N GLU B 108 11.25 -22.78 -42.27
CA GLU B 108 10.46 -23.88 -42.79
C GLU B 108 10.88 -25.21 -42.18
N ASP B 109 12.19 -25.44 -42.07
CA ASP B 109 12.73 -26.67 -41.49
C ASP B 109 12.95 -26.44 -40.00
N VAL B 110 12.08 -27.02 -39.18
CA VAL B 110 12.22 -26.96 -37.73
C VAL B 110 12.24 -28.38 -37.20
N PRO B 111 12.92 -28.65 -36.08
CA PRO B 111 12.95 -30.01 -35.53
C PRO B 111 11.54 -30.50 -35.20
N MET B 112 11.17 -31.63 -35.80
CA MET B 112 9.81 -32.13 -35.71
C MET B 112 9.77 -33.54 -36.27
N VAL B 113 9.04 -34.43 -35.59
CA VAL B 113 8.81 -35.78 -36.06
C VAL B 113 7.32 -36.09 -35.94
N LEU B 114 6.82 -36.92 -36.85
CA LEU B 114 5.41 -37.28 -36.91
C LEU B 114 5.23 -38.66 -36.30
N VAL B 115 4.35 -38.76 -35.30
CA VAL B 115 4.16 -39.98 -34.53
C VAL B 115 2.74 -40.47 -34.73
N GLY B 116 2.59 -41.76 -35.04
CA GLY B 116 1.29 -42.38 -35.15
C GLY B 116 0.96 -43.27 -33.98
N ASN B 117 0.29 -42.70 -32.98
CA ASN B 117 -0.07 -43.44 -31.77
C ASN B 117 -1.26 -44.34 -32.05
N LYS B 118 -1.67 -45.11 -31.03
CA LYS B 118 -2.82 -46.00 -31.08
C LYS B 118 -2.65 -47.12 -32.10
N CYS B 119 -1.41 -47.50 -32.41
CA CYS B 119 -1.18 -48.55 -33.39
C CYS B 119 -1.47 -49.93 -32.82
N ASP B 120 -1.49 -50.08 -31.50
CA ASP B 120 -1.83 -51.37 -30.90
C ASP B 120 -3.29 -51.74 -31.11
N LEU B 121 -4.14 -50.76 -31.36
CA LEU B 121 -5.57 -51.01 -31.56
C LEU B 121 -5.78 -51.75 -32.87
N PRO B 122 -6.27 -53.00 -32.85
CA PRO B 122 -6.40 -53.82 -34.06
C PRO B 122 -7.58 -53.45 -34.93
N SER B 123 -7.76 -52.15 -35.20
CA SER B 123 -8.80 -51.66 -36.07
C SER B 123 -8.27 -50.39 -36.76
N ARG B 124 -7.25 -50.58 -37.59
CA ARG B 124 -6.57 -49.47 -38.23
C ARG B 124 -7.47 -48.78 -39.23
N THR B 125 -7.51 -47.44 -39.16
CA THR B 125 -8.29 -46.63 -40.08
C THR B 125 -7.44 -45.78 -41.01
N VAL B 126 -6.26 -45.34 -40.56
CA VAL B 126 -5.34 -44.57 -41.38
C VAL B 126 -4.34 -45.52 -42.02
N ASP B 127 -4.17 -45.41 -43.34
CA ASP B 127 -3.27 -46.29 -44.05
C ASP B 127 -1.85 -46.18 -43.52
N THR B 128 -1.17 -47.32 -43.40
CA THR B 128 0.18 -47.35 -42.86
C THR B 128 1.19 -46.65 -43.77
N LYS B 129 0.89 -46.57 -45.07
CA LYS B 129 1.83 -45.99 -46.03
C LYS B 129 1.51 -44.54 -46.39
N GLN B 130 0.29 -44.06 -46.11
CA GLN B 130 -0.05 -42.69 -46.48
C GLN B 130 0.60 -41.65 -45.56
N ALA B 131 1.15 -42.06 -44.43
CA ALA B 131 1.83 -41.13 -43.54
C ALA B 131 3.28 -40.86 -43.96
N GLN B 132 3.90 -41.78 -44.70
CA GLN B 132 5.28 -41.58 -45.11
C GLN B 132 5.39 -40.49 -46.18
N ASP B 133 4.45 -40.47 -47.14
CA ASP B 133 4.47 -39.42 -48.15
C ASP B 133 4.18 -38.05 -47.52
N LEU B 134 3.37 -38.01 -46.46
CA LEU B 134 3.21 -36.77 -45.71
C LEU B 134 4.47 -36.47 -44.90
N ALA B 135 5.12 -37.51 -44.38
CA ALA B 135 6.39 -37.31 -43.68
C ALA B 135 7.52 -36.96 -44.65
N ARG B 136 7.45 -37.47 -45.88
CA ARG B 136 8.44 -37.11 -46.89
C ARG B 136 8.19 -35.71 -47.44
N SER B 137 6.92 -35.31 -47.57
CA SER B 137 6.63 -33.95 -47.99
C SER B 137 7.06 -32.94 -46.93
N TYR B 138 6.85 -33.26 -45.65
CA TYR B 138 7.38 -32.43 -44.58
C TYR B 138 8.89 -32.61 -44.41
N GLY B 139 9.44 -33.72 -44.90
CA GLY B 139 10.86 -33.99 -44.75
C GLY B 139 11.26 -34.41 -43.35
N ILE B 140 10.40 -35.18 -42.68
CA ILE B 140 10.64 -35.56 -41.28
C ILE B 140 10.39 -37.05 -41.15
N PRO B 141 11.00 -37.68 -40.14
CA PRO B 141 10.75 -39.12 -39.91
C PRO B 141 9.32 -39.36 -39.44
N PHE B 142 8.96 -40.65 -39.41
CA PHE B 142 7.63 -41.08 -39.00
C PHE B 142 7.73 -42.39 -38.23
N ILE B 143 7.09 -42.44 -37.07
CA ILE B 143 7.14 -43.60 -36.19
C ILE B 143 5.71 -43.98 -35.81
N GLU B 144 5.44 -45.28 -35.74
CA GLU B 144 4.18 -45.81 -35.23
C GLU B 144 4.40 -46.31 -33.81
N THR B 145 3.66 -45.74 -32.86
CA THR B 145 3.84 -46.03 -31.45
C THR B 145 2.54 -46.53 -30.83
N SER B 146 2.68 -47.19 -29.67
CA SER B 146 1.54 -47.68 -28.91
C SER B 146 1.83 -47.42 -27.44
N ALA B 147 1.03 -46.55 -26.82
CA ALA B 147 1.23 -46.24 -25.40
C ALA B 147 0.88 -47.41 -24.50
N LYS B 148 0.11 -48.38 -24.99
CA LYS B 148 -0.30 -49.49 -24.15
C LYS B 148 0.72 -50.62 -24.10
N THR B 149 1.65 -50.67 -25.06
CA THR B 149 2.64 -51.73 -25.12
C THR B 149 4.06 -51.21 -25.26
N ARG B 150 4.28 -49.91 -25.03
CA ARG B 150 5.61 -49.30 -25.02
C ARG B 150 6.28 -49.37 -26.39
N GLN B 151 5.58 -49.91 -27.39
CA GLN B 151 6.16 -50.13 -28.71
C GLN B 151 6.56 -48.82 -29.38
N GLY B 152 7.87 -48.63 -29.58
CA GLY B 152 8.37 -47.50 -30.32
C GLY B 152 8.25 -46.15 -29.64
N VAL B 153 7.70 -46.09 -28.42
CA VAL B 153 7.57 -44.81 -27.74
C VAL B 153 8.94 -44.29 -27.33
N ASP B 154 9.90 -45.17 -27.08
CA ASP B 154 11.27 -44.73 -26.83
C ASP B 154 11.92 -44.24 -28.11
N ASP B 155 11.79 -44.99 -29.20
CA ASP B 155 12.42 -44.62 -30.45
C ASP B 155 11.84 -43.30 -30.99
N ALA B 156 10.54 -43.09 -30.82
CA ALA B 156 9.92 -41.87 -31.32
C ALA B 156 10.45 -40.65 -30.58
N PHE B 157 10.62 -40.75 -29.26
CA PHE B 157 11.19 -39.64 -28.51
C PHE B 157 12.69 -39.52 -28.75
N TYR B 158 13.40 -40.65 -28.86
CA TYR B 158 14.83 -40.59 -29.12
C TYR B 158 15.13 -40.03 -30.50
N THR B 159 14.27 -40.32 -31.49
CA THR B 159 14.50 -39.81 -32.84
C THR B 159 14.36 -38.29 -32.88
N LEU B 160 13.44 -37.74 -32.09
CA LEU B 160 13.27 -36.29 -32.05
C LEU B 160 14.49 -35.62 -31.43
N VAL B 161 15.09 -36.24 -30.41
CA VAL B 161 16.28 -35.68 -29.79
C VAL B 161 17.43 -35.65 -30.80
N ARG B 162 17.56 -36.71 -31.60
CA ARG B 162 18.57 -36.71 -32.66
C ARG B 162 18.19 -35.77 -33.79
N GLU B 163 16.90 -35.50 -33.97
CA GLU B 163 16.46 -34.58 -35.01
C GLU B 163 16.84 -33.14 -34.67
N ILE B 164 16.80 -32.79 -33.38
CA ILE B 164 17.20 -31.46 -32.96
C ILE B 164 18.70 -31.25 -33.18
N ARG B 165 19.50 -32.31 -33.02
CA ARG B 165 20.93 -32.20 -33.25
C ARG B 165 21.24 -31.87 -34.70
N LYS B 166 20.42 -32.36 -35.63
CA LYS B 166 20.67 -32.11 -37.05
C LYS B 166 20.33 -30.68 -37.46
N HIS B 167 19.47 -30.01 -36.70
CA HIS B 167 19.04 -28.65 -37.05
C HIS B 167 19.91 -27.63 -36.34
N LYS B 168 21.18 -27.60 -36.76
CA LYS B 168 22.13 -26.62 -36.25
C LYS B 168 23.36 -26.55 -37.16
#